data_8V9I
#
_entry.id   8V9I
#
_cell.length_a   78.616
_cell.length_b   125.321
_cell.length_c   152.017
_cell.angle_alpha   90.00
_cell.angle_beta   90.00
_cell.angle_gamma   90.00
#
_symmetry.space_group_name_H-M   'P 21 21 21'
#
loop_
_entity.id
_entity.type
_entity.pdbx_description
1 polymer '1-deoxy-D-xylulose-5-phosphate synthase'
2 non-polymer 3-[(4-amino-2-methylpyrimidin-5-yl)methyl]-2-{(1S)-1-[(S)-(2-{1-[(1R)-1-carboxy-2-phenylethyl]-1H-1,2,3-triazol-4-yl}ethoxy)(hydroxy)phosphoryl]-1-hydroxyethyl}-5-(2-{[(S)-hydroxy(phosphonooxy)phosphoryl]oxy}ethyl)-4-methyl-1,3-thiazol-3-ium
3 non-polymer 'MAGNESIUM ION'
4 non-polymer 'SODIUM ION'
5 non-polymer '2-HYDROXY BUTANE-1,4-DIOL'
6 water water
#
_entity_poly.entity_id   1
_entity_poly.type   'polypeptide(L)'
_entity_poly.pdbx_seq_one_letter_code
;MGSSHHHHHHSSGLVPRGSHMMNELPGTSDTPLLDQIHGPKDLKRLSREQLPALTEELRGEIVRVCSRGGLHLASSLGAV
DIITALHYVLDSPRDRILFDVGHQAYAHKILTGRRDQMADIKKEGGISGFTKVSESEHDAITVGHASTSLANALGMALAR
DAQGKDFHVAAVIGDGSLTGGMALAALNTIGDMGRKMLIVLNDNEMSISENVGAMNKFMRGLQVQKWFQEGEGAGKKAVE
AVSKPLADFMSRAKNSTRHFFDPASVNPFAAMGVRYVGPVDGHNVQELVWLLERLVDLDGPTILHIVTTKGKGLSYAEAD
PIYWHGPAKFDPATGEYVPSSAYSWSAAFGEAVTEWAKTDPRTFVVTPAMREGSGLVEFSRVHPHRYLDVGIAEEVAVTT
AAGMALQGMRPVVAIYSTFLQRAYDQVLHDVAIEHLNVTFCIDRAGIVGADGATHNGVFDLSFLRSIPGVRIGLPKDAAE
LRGMLKYAQTHDGPFAIRYPRGNTAQVPAGTWPDLKWGEWERLKGGDDVVILAGGKALDYALKAAEDLPGVGVVNARFVK
PLDEEMLREVGGRARALITVEDNTVVGGFGGAVLEALNSMNLHPTVRVLGIPDEFQEHATAESVHARAGIDAPAIRTVLA
ELGVDVPIEV
;
_entity_poly.pdbx_strand_id   A,B
#
# COMPACT_ATOMS: atom_id res chain seq x y z
N SER A 29 0.20 -42.57 -27.04
CA SER A 29 0.17 -41.37 -26.21
C SER A 29 0.26 -41.72 -24.72
N ASP A 30 0.99 -40.89 -23.98
CA ASP A 30 1.13 -41.07 -22.53
C ASP A 30 -0.08 -40.57 -21.75
N THR A 31 -0.94 -39.77 -22.38
CA THR A 31 -2.03 -39.07 -21.68
C THR A 31 -3.35 -39.31 -22.39
N PRO A 32 -3.86 -40.55 -22.38
CA PRO A 32 -5.12 -40.82 -23.09
C PRO A 32 -6.30 -40.03 -22.56
N LEU A 33 -6.38 -39.80 -21.24
CA LEU A 33 -7.51 -39.06 -20.70
C LEU A 33 -7.42 -37.58 -21.04
N LEU A 34 -6.25 -36.98 -20.83
CA LEU A 34 -6.09 -35.55 -21.07
C LEU A 34 -6.24 -35.21 -22.55
N ASP A 35 -5.93 -36.15 -23.44
CA ASP A 35 -6.06 -35.91 -24.88
C ASP A 35 -7.49 -35.62 -25.29
N GLN A 36 -8.47 -36.06 -24.52
CA GLN A 36 -9.88 -35.85 -24.85
C GLN A 36 -10.51 -34.72 -24.07
N ILE A 37 -9.73 -33.98 -23.27
CA ILE A 37 -10.26 -32.93 -22.40
C ILE A 37 -9.79 -31.60 -22.96
N HIS A 38 -10.74 -30.83 -23.50
CA HIS A 38 -10.47 -29.48 -23.98
C HIS A 38 -11.13 -28.41 -23.12
N GLY A 39 -11.84 -28.82 -22.07
CA GLY A 39 -12.47 -27.90 -21.16
C GLY A 39 -13.16 -28.65 -20.04
N PRO A 40 -13.68 -27.90 -19.07
CA PRO A 40 -14.35 -28.55 -17.92
C PRO A 40 -15.52 -29.43 -18.30
N LYS A 41 -16.18 -29.17 -19.43
CA LYS A 41 -17.29 -30.03 -19.86
C LYS A 41 -16.79 -31.43 -20.18
N ASP A 42 -15.67 -31.53 -20.91
CA ASP A 42 -15.09 -32.84 -21.18
C ASP A 42 -14.65 -33.53 -19.91
N LEU A 43 -14.11 -32.76 -18.96
CA LEU A 43 -13.67 -33.33 -17.69
C LEU A 43 -14.82 -34.01 -16.95
N LYS A 44 -16.00 -33.39 -16.96
CA LYS A 44 -17.14 -33.93 -16.21
C LYS A 44 -17.65 -35.24 -16.80
N ARG A 45 -17.27 -35.58 -18.03
CA ARG A 45 -17.68 -36.86 -18.59
C ARG A 45 -16.91 -38.05 -17.99
N LEU A 46 -15.82 -37.80 -17.29
CA LEU A 46 -15.11 -38.86 -16.60
C LEU A 46 -15.87 -39.28 -15.35
N SER A 47 -15.74 -40.56 -14.99
CA SER A 47 -16.27 -41.00 -13.72
C SER A 47 -15.35 -40.57 -12.59
N ARG A 48 -15.88 -40.54 -11.38
CA ARG A 48 -15.08 -40.13 -10.23
C ARG A 48 -13.90 -41.05 -10.00
N GLU A 49 -14.02 -42.32 -10.41
CA GLU A 49 -12.94 -43.28 -10.25
C GLU A 49 -11.80 -43.09 -11.24
N GLN A 50 -12.03 -42.35 -12.32
CA GLN A 50 -10.98 -42.04 -13.29
C GLN A 50 -10.17 -40.83 -12.90
N LEU A 51 -10.63 -40.02 -11.94
CA LEU A 51 -9.93 -38.80 -11.58
C LEU A 51 -8.52 -39.04 -11.01
N PRO A 52 -8.27 -40.07 -10.20
CA PRO A 52 -6.86 -40.32 -9.80
C PRO A 52 -5.93 -40.49 -10.97
N ALA A 53 -6.35 -41.24 -12.00
CA ALA A 53 -5.51 -41.40 -13.19
C ALA A 53 -5.31 -40.08 -13.91
N LEU A 54 -6.32 -39.21 -13.92
CA LEU A 54 -6.17 -37.92 -14.59
C LEU A 54 -5.15 -37.05 -13.88
N THR A 55 -5.16 -37.02 -12.54
CA THR A 55 -4.18 -36.20 -11.82
C THR A 55 -2.75 -36.68 -12.10
N GLU A 56 -2.57 -37.98 -12.32
CA GLU A 56 -1.25 -38.49 -12.67
C GLU A 56 -0.80 -37.99 -14.03
N GLU A 57 -1.72 -37.97 -15.01
CA GLU A 57 -1.40 -37.40 -16.31
C GLU A 57 -1.12 -35.91 -16.20
N LEU A 58 -1.90 -35.19 -15.38
CA LEU A 58 -1.66 -33.76 -15.21
C LEU A 58 -0.30 -33.50 -14.59
N ARG A 59 0.09 -34.31 -13.60
CA ARG A 59 1.40 -34.12 -12.97
C ARG A 59 2.53 -34.38 -13.96
N GLY A 60 2.43 -35.46 -14.74
CA GLY A 60 3.43 -35.72 -15.76
C GLY A 60 3.52 -34.59 -16.77
N GLU A 61 2.37 -34.03 -17.15
CA GLU A 61 2.33 -32.92 -18.09
C GLU A 61 3.00 -31.68 -17.50
N ILE A 62 2.71 -31.36 -16.24
CA ILE A 62 3.30 -30.19 -15.61
C ILE A 62 4.82 -30.33 -15.48
N VAL A 63 5.29 -31.56 -15.22
CA VAL A 63 6.72 -31.78 -15.11
C VAL A 63 7.41 -31.53 -16.45
N ARG A 64 6.82 -32.01 -17.54
CA ARG A 64 7.41 -31.79 -18.87
C ARG A 64 7.39 -30.31 -19.23
N VAL A 65 6.29 -29.61 -18.92
CA VAL A 65 6.20 -28.19 -19.22
C VAL A 65 7.30 -27.41 -18.50
N CYS A 66 7.56 -27.75 -17.24
CA CYS A 66 8.51 -27.00 -16.45
C CYS A 66 9.96 -27.43 -16.66
N SER A 67 10.20 -28.53 -17.39
CA SER A 67 11.55 -29.05 -17.52
C SER A 67 12.48 -28.10 -18.28
N ARG A 68 11.93 -27.17 -19.06
CA ARG A 68 12.78 -26.19 -19.74
C ARG A 68 13.29 -25.10 -18.80
N GLY A 69 12.74 -25.00 -17.60
CA GLY A 69 13.27 -24.10 -16.59
C GLY A 69 12.50 -22.79 -16.52
N GLY A 70 12.52 -22.17 -15.34
CA GLY A 70 11.96 -20.86 -15.12
C GLY A 70 10.48 -20.80 -14.79
N LEU A 71 9.86 -21.92 -14.44
CA LEU A 71 8.43 -21.99 -14.21
C LEU A 71 8.14 -22.47 -12.78
N HIS A 72 6.88 -22.29 -12.36
CA HIS A 72 6.44 -22.58 -10.99
C HIS A 72 6.04 -24.06 -10.87
N LEU A 73 7.06 -24.91 -10.75
CA LEU A 73 6.83 -26.36 -10.78
C LEU A 73 6.15 -26.86 -9.52
N ALA A 74 6.75 -26.59 -8.34
CA ALA A 74 6.32 -27.26 -7.12
C ALA A 74 4.94 -26.80 -6.66
N SER A 75 4.61 -25.52 -6.84
CA SER A 75 3.31 -25.04 -6.42
C SER A 75 2.19 -25.62 -7.28
N SER A 76 2.39 -25.68 -8.59
CA SER A 76 1.35 -26.23 -9.47
C SER A 76 1.21 -27.74 -9.30
N LEU A 77 2.31 -28.44 -9.01
CA LEU A 77 2.20 -29.86 -8.71
C LEU A 77 1.37 -30.10 -7.44
N GLY A 78 1.57 -29.26 -6.42
CA GLY A 78 0.84 -29.44 -5.18
C GLY A 78 -0.66 -29.20 -5.32
N ALA A 79 -1.06 -28.36 -6.27
CA ALA A 79 -2.45 -27.94 -6.43
C ALA A 79 -3.22 -28.75 -7.46
N VAL A 80 -2.63 -29.81 -8.02
CA VAL A 80 -3.27 -30.54 -9.11
C VAL A 80 -4.62 -31.11 -8.68
N ASP A 81 -4.67 -31.71 -7.49
CA ASP A 81 -5.86 -32.47 -7.10
C ASP A 81 -7.02 -31.55 -6.77
N ILE A 82 -6.77 -30.45 -6.05
CA ILE A 82 -7.87 -29.54 -5.72
C ILE A 82 -8.38 -28.83 -6.98
N ILE A 83 -7.49 -28.54 -7.94
CA ILE A 83 -7.94 -27.90 -9.17
C ILE A 83 -8.80 -28.85 -9.98
N THR A 84 -8.39 -30.12 -10.07
CA THR A 84 -9.20 -31.11 -10.77
C THR A 84 -10.57 -31.27 -10.12
N ALA A 85 -10.61 -31.32 -8.78
CA ALA A 85 -11.89 -31.47 -8.08
C ALA A 85 -12.77 -30.25 -8.26
N LEU A 86 -12.18 -29.05 -8.22
CA LEU A 86 -12.98 -27.83 -8.37
C LEU A 86 -13.65 -27.77 -9.73
N HIS A 87 -12.92 -28.08 -10.80
CA HIS A 87 -13.51 -28.03 -12.13
C HIS A 87 -14.48 -29.18 -12.37
N TYR A 88 -14.31 -30.31 -11.65
CA TYR A 88 -15.24 -31.41 -11.79
C TYR A 88 -16.59 -31.08 -11.15
N VAL A 89 -16.57 -30.36 -10.04
CA VAL A 89 -17.79 -30.05 -9.30
C VAL A 89 -18.42 -28.74 -9.79
N LEU A 90 -17.62 -27.70 -9.97
CA LEU A 90 -18.13 -26.39 -10.36
C LEU A 90 -18.23 -26.29 -11.88
N ASP A 91 -18.89 -25.22 -12.33
CA ASP A 91 -19.22 -25.02 -13.75
C ASP A 91 -18.61 -23.72 -14.25
N SER A 92 -17.29 -23.67 -14.33
CA SER A 92 -16.62 -22.52 -14.93
C SER A 92 -16.91 -22.49 -16.44
N PRO A 93 -17.09 -21.30 -17.03
CA PRO A 93 -16.93 -19.94 -16.50
C PRO A 93 -18.17 -19.34 -15.83
N ARG A 94 -19.28 -20.08 -15.75
CA ARG A 94 -20.43 -19.57 -15.03
C ARG A 94 -20.11 -19.39 -13.55
N ASP A 95 -19.54 -20.41 -12.92
CA ASP A 95 -18.96 -20.25 -11.60
C ASP A 95 -17.58 -19.64 -11.71
N ARG A 96 -17.18 -18.88 -10.68
CA ARG A 96 -15.91 -18.15 -10.68
C ARG A 96 -14.96 -18.81 -9.70
N ILE A 97 -13.82 -19.29 -10.21
CA ILE A 97 -12.76 -19.88 -9.40
C ILE A 97 -11.58 -18.94 -9.43
N LEU A 98 -11.21 -18.41 -8.28
CA LEU A 98 -10.17 -17.39 -8.16
C LEU A 98 -8.93 -18.01 -7.55
N PHE A 99 -7.77 -17.73 -8.15
CA PHE A 99 -6.50 -18.24 -7.63
C PHE A 99 -5.69 -17.09 -7.04
N ASP A 100 -5.23 -17.27 -5.81
CA ASP A 100 -4.35 -16.30 -5.19
C ASP A 100 -2.94 -16.51 -5.71
N VAL A 101 -2.34 -15.42 -6.22
CA VAL A 101 -1.06 -15.38 -6.94
C VAL A 101 -1.20 -15.96 -8.34
N GLY A 102 -1.77 -17.15 -8.47
CA GLY A 102 -1.96 -17.77 -9.76
C GLY A 102 -0.81 -18.62 -10.24
N HIS A 103 0.29 -18.67 -9.49
CA HIS A 103 1.45 -19.48 -9.86
C HIS A 103 1.18 -20.98 -9.70
N GLN A 104 0.15 -21.36 -8.95
CA GLN A 104 -0.16 -22.76 -8.70
C GLN A 104 -1.21 -23.30 -9.66
N ALA A 105 -1.56 -22.56 -10.72
CA ALA A 105 -2.72 -22.84 -11.54
C ALA A 105 -2.39 -23.41 -12.92
N TYR A 106 -1.24 -24.09 -13.07
CA TYR A 106 -0.92 -24.67 -14.37
C TYR A 106 -1.93 -25.75 -14.77
N ALA A 107 -2.35 -26.59 -13.82
CA ALA A 107 -3.37 -27.59 -14.13
C ALA A 107 -4.69 -26.94 -14.52
N HIS A 108 -4.98 -25.76 -13.95
CA HIS A 108 -6.17 -25.01 -14.31
C HIS A 108 -6.14 -24.60 -15.78
N LYS A 109 -5.00 -24.08 -16.24
CA LYS A 109 -4.88 -23.69 -17.65
C LYS A 109 -4.93 -24.91 -18.57
N ILE A 110 -4.32 -26.02 -18.15
CA ILE A 110 -4.34 -27.23 -18.96
C ILE A 110 -5.76 -27.75 -19.12
N LEU A 111 -6.59 -27.60 -18.10
CA LEU A 111 -7.96 -28.10 -18.14
C LEU A 111 -8.96 -27.10 -18.74
N THR A 112 -8.51 -25.90 -19.11
CA THR A 112 -9.40 -24.87 -19.65
C THR A 112 -8.95 -24.43 -21.04
N GLY A 113 -8.55 -25.38 -21.87
CA GLY A 113 -8.30 -25.11 -23.27
C GLY A 113 -6.94 -24.55 -23.61
N ARG A 114 -5.98 -24.56 -22.67
CA ARG A 114 -4.67 -23.96 -22.93
C ARG A 114 -3.54 -24.98 -22.79
N ARG A 115 -3.83 -26.26 -22.98
CA ARG A 115 -2.80 -27.29 -22.83
C ARG A 115 -1.66 -27.09 -23.83
N ASP A 116 -2.01 -26.86 -25.10
CA ASP A 116 -0.97 -26.69 -26.11
C ASP A 116 -0.16 -25.41 -25.90
N GLN A 117 -0.78 -24.37 -25.36
CA GLN A 117 -0.08 -23.12 -25.14
C GLN A 117 0.90 -23.17 -23.96
N MET A 118 0.85 -24.23 -23.15
CA MET A 118 1.78 -24.32 -22.01
C MET A 118 3.23 -24.36 -22.46
N ALA A 119 3.50 -24.76 -23.71
CA ALA A 119 4.88 -24.80 -24.18
C ALA A 119 5.49 -23.41 -24.26
N ASP A 120 4.67 -22.38 -24.48
CA ASP A 120 5.16 -21.01 -24.63
C ASP A 120 4.77 -20.12 -23.45
N ILE A 121 4.42 -20.71 -22.31
CA ILE A 121 3.98 -19.92 -21.16
C ILE A 121 5.12 -19.00 -20.70
N LYS A 122 4.76 -17.76 -20.38
CA LYS A 122 5.63 -16.65 -19.97
C LYS A 122 6.54 -16.15 -21.09
N LYS A 123 6.50 -16.75 -22.28
CA LYS A 123 7.23 -16.22 -23.43
C LYS A 123 6.43 -15.08 -24.07
N GLU A 124 7.16 -14.15 -24.69
CA GLU A 124 6.52 -13.04 -25.39
C GLU A 124 5.53 -13.56 -26.43
N GLY A 125 4.29 -13.10 -26.34
CA GLY A 125 3.25 -13.57 -27.22
C GLY A 125 2.53 -14.83 -26.76
N GLY A 126 3.07 -15.52 -25.76
CA GLY A 126 2.42 -16.68 -25.19
C GLY A 126 1.51 -16.31 -24.03
N ILE A 127 0.96 -17.33 -23.38
CA ILE A 127 0.09 -17.10 -22.24
C ILE A 127 0.92 -16.68 -21.03
N SER A 128 0.24 -16.06 -20.08
CA SER A 128 0.87 -15.56 -18.86
C SER A 128 1.17 -16.71 -17.89
N GLY A 129 2.17 -16.49 -17.03
CA GLY A 129 2.47 -17.46 -15.99
C GLY A 129 1.48 -17.48 -14.85
N PHE A 130 0.59 -16.49 -14.78
CA PHE A 130 -0.46 -16.41 -13.79
C PHE A 130 -1.80 -16.31 -14.52
N THR A 131 -2.90 -16.45 -13.77
CA THR A 131 -4.20 -16.29 -14.40
C THR A 131 -4.41 -14.82 -14.77
N LYS A 132 -5.11 -14.60 -15.88
CA LYS A 132 -5.26 -13.26 -16.43
C LYS A 132 -6.62 -13.14 -17.09
N VAL A 133 -7.41 -12.15 -16.65
CA VAL A 133 -8.79 -12.02 -17.09
C VAL A 133 -8.86 -11.90 -18.62
N SER A 134 -7.95 -11.14 -19.22
CA SER A 134 -8.01 -10.97 -20.67
C SER A 134 -7.59 -12.22 -21.43
N GLU A 135 -7.01 -13.21 -20.77
CA GLU A 135 -6.52 -14.40 -21.45
C GLU A 135 -7.59 -15.48 -21.59
N SER A 136 -8.50 -15.60 -20.63
CA SER A 136 -9.49 -16.67 -20.68
C SER A 136 -10.69 -16.28 -19.84
N GLU A 137 -11.88 -16.66 -20.31
CA GLU A 137 -13.09 -16.51 -19.51
C GLU A 137 -13.02 -17.32 -18.22
N HIS A 138 -12.14 -18.33 -18.18
CA HIS A 138 -11.97 -19.16 -16.99
C HIS A 138 -11.06 -18.53 -15.94
N ASP A 139 -10.36 -17.45 -16.26
CA ASP A 139 -9.46 -16.77 -15.31
C ASP A 139 -10.23 -15.64 -14.64
N ALA A 140 -10.60 -15.85 -13.38
CA ALA A 140 -11.51 -14.91 -12.73
C ALA A 140 -10.82 -13.60 -12.36
N ILE A 141 -9.54 -13.65 -11.99
CA ILE A 141 -8.81 -12.45 -11.60
C ILE A 141 -7.42 -12.48 -12.22
N THR A 142 -6.86 -11.29 -12.44
CA THR A 142 -5.48 -11.14 -12.85
C THR A 142 -4.62 -10.96 -11.61
N VAL A 143 -3.68 -11.87 -11.39
CA VAL A 143 -2.95 -11.95 -10.13
C VAL A 143 -1.45 -12.12 -10.41
N GLY A 144 -0.68 -11.95 -9.35
CA GLY A 144 0.76 -12.03 -9.37
C GLY A 144 1.22 -11.64 -7.98
N HIS A 145 0.76 -10.46 -7.54
CA HIS A 145 0.84 -10.13 -6.13
C HIS A 145 -0.10 -11.04 -5.34
N ALA A 146 0.32 -11.39 -4.13
CA ALA A 146 -0.37 -12.33 -3.27
C ALA A 146 -1.46 -11.65 -2.44
N SER A 147 -2.42 -12.46 -2.00
CA SER A 147 -3.43 -12.16 -0.99
C SER A 147 -4.59 -11.33 -1.52
N THR A 148 -4.75 -11.20 -2.84
CA THR A 148 -5.87 -10.43 -3.41
C THR A 148 -7.13 -11.25 -3.64
N SER A 149 -7.06 -12.58 -3.52
CA SER A 149 -8.18 -13.41 -3.93
C SER A 149 -9.41 -13.20 -3.05
N LEU A 150 -9.21 -12.98 -1.74
CA LEU A 150 -10.35 -12.94 -0.84
C LEU A 150 -11.18 -11.66 -1.02
N ALA A 151 -10.52 -10.51 -1.13
CA ALA A 151 -11.27 -9.28 -1.38
C ALA A 151 -11.94 -9.31 -2.75
N ASN A 152 -11.23 -9.81 -3.78
CA ASN A 152 -11.86 -9.97 -5.09
C ASN A 152 -13.08 -10.89 -5.01
N ALA A 153 -12.96 -12.02 -4.30
CA ALA A 153 -14.08 -12.94 -4.19
C ALA A 153 -15.26 -12.30 -3.46
N LEU A 154 -14.98 -11.52 -2.42
CA LEU A 154 -16.04 -10.81 -1.71
C LEU A 154 -16.78 -9.86 -2.66
N GLY A 155 -16.03 -9.13 -3.49
CA GLY A 155 -16.67 -8.20 -4.42
C GLY A 155 -17.54 -8.92 -5.44
N MET A 156 -17.07 -10.06 -5.94
CA MET A 156 -17.87 -10.82 -6.89
C MET A 156 -19.14 -11.36 -6.24
N ALA A 157 -19.03 -11.81 -4.98
CA ALA A 157 -20.20 -12.34 -4.28
C ALA A 157 -21.22 -11.23 -3.99
N LEU A 158 -20.74 -10.05 -3.59
CA LEU A 158 -21.65 -8.92 -3.36
C LEU A 158 -22.30 -8.48 -4.66
N ALA A 159 -21.54 -8.47 -5.76
CA ALA A 159 -22.11 -8.11 -7.06
C ALA A 159 -23.14 -9.14 -7.49
N ARG A 160 -22.84 -10.43 -7.30
CA ARG A 160 -23.78 -11.49 -7.61
C ARG A 160 -25.08 -11.31 -6.85
N ASP A 161 -24.99 -11.07 -5.54
CA ASP A 161 -26.20 -10.91 -4.73
C ASP A 161 -26.96 -9.65 -5.11
N ALA A 162 -26.24 -8.55 -5.39
CA ALA A 162 -26.91 -7.32 -5.79
C ALA A 162 -27.66 -7.49 -7.10
N GLN A 163 -27.17 -8.33 -8.00
CA GLN A 163 -27.83 -8.55 -9.28
C GLN A 163 -28.83 -9.69 -9.23
N GLY A 164 -28.96 -10.38 -8.10
CA GLY A 164 -29.92 -11.47 -7.99
C GLY A 164 -29.51 -12.75 -8.67
N LYS A 165 -28.22 -12.97 -8.88
CA LYS A 165 -27.72 -14.17 -9.54
C LYS A 165 -27.35 -15.23 -8.50
N ASP A 166 -26.99 -16.42 -8.98
CA ASP A 166 -26.89 -17.58 -8.10
C ASP A 166 -25.62 -18.42 -8.34
N PHE A 167 -24.63 -17.88 -9.03
CA PHE A 167 -23.48 -18.72 -9.35
C PHE A 167 -22.55 -18.87 -8.15
N HIS A 168 -21.67 -19.87 -8.23
CA HIS A 168 -20.73 -20.14 -7.16
C HIS A 168 -19.49 -19.26 -7.27
N VAL A 169 -18.96 -18.85 -6.12
CA VAL A 169 -17.70 -18.13 -6.03
C VAL A 169 -16.77 -18.96 -5.14
N ALA A 170 -15.61 -19.32 -5.68
CA ALA A 170 -14.62 -20.11 -4.96
C ALA A 170 -13.25 -19.47 -5.13
N ALA A 171 -12.49 -19.41 -4.03
CA ALA A 171 -11.16 -18.83 -4.03
C ALA A 171 -10.18 -19.85 -3.46
N VAL A 172 -9.03 -19.99 -4.11
CA VAL A 172 -7.95 -20.86 -3.66
C VAL A 172 -6.81 -19.98 -3.18
N ILE A 173 -6.49 -20.07 -1.89
CA ILE A 173 -5.46 -19.24 -1.28
C ILE A 173 -4.50 -20.12 -0.51
N GLY A 174 -3.19 -19.88 -0.69
CA GLY A 174 -2.18 -20.64 0.01
C GLY A 174 -1.96 -20.14 1.43
N ASP A 175 -1.29 -20.98 2.22
CA ASP A 175 -0.99 -20.58 3.60
C ASP A 175 -0.06 -19.38 3.65
N GLY A 176 0.84 -19.25 2.66
CA GLY A 176 1.68 -18.06 2.60
C GLY A 176 0.88 -16.80 2.28
N SER A 177 0.01 -16.87 1.28
CA SER A 177 -0.82 -15.72 0.93
C SER A 177 -1.73 -15.31 2.08
N LEU A 178 -2.15 -16.27 2.91
CA LEU A 178 -3.01 -15.96 4.05
C LEU A 178 -2.30 -15.11 5.11
N THR A 179 -0.97 -15.03 5.07
CA THR A 179 -0.27 -14.16 6.03
C THR A 179 -0.41 -12.69 5.67
N GLY A 180 -0.87 -12.36 4.46
CA GLY A 180 -0.99 -10.97 4.08
C GLY A 180 -2.13 -10.28 4.81
N GLY A 181 -1.87 -9.03 5.21
CA GLY A 181 -2.89 -8.28 5.93
C GLY A 181 -4.18 -8.10 5.15
N MET A 182 -4.08 -7.91 3.82
CA MET A 182 -5.31 -7.71 3.05
C MET A 182 -6.13 -8.98 2.90
N ALA A 183 -5.52 -10.16 3.09
CA ALA A 183 -6.32 -11.38 3.15
C ALA A 183 -6.99 -11.53 4.51
N LEU A 184 -6.27 -11.23 5.59
CA LEU A 184 -6.86 -11.35 6.93
C LEU A 184 -7.98 -10.34 7.13
N ALA A 185 -7.78 -9.10 6.68
CA ALA A 185 -8.85 -8.11 6.82
C ALA A 185 -10.03 -8.45 5.93
N ALA A 186 -9.79 -8.95 4.71
CA ALA A 186 -10.90 -9.33 3.84
C ALA A 186 -11.72 -10.45 4.45
N LEU A 187 -11.05 -11.42 5.09
CA LEU A 187 -11.76 -12.51 5.75
C LEU A 187 -12.63 -11.97 6.88
N ASN A 188 -12.14 -10.95 7.60
CA ASN A 188 -12.94 -10.31 8.64
C ASN A 188 -14.21 -9.70 8.05
N THR A 189 -14.11 -9.11 6.87
CA THR A 189 -15.30 -8.58 6.20
C THR A 189 -16.17 -9.70 5.64
N ILE A 190 -15.52 -10.75 5.10
CA ILE A 190 -16.26 -11.88 4.54
C ILE A 190 -17.15 -12.53 5.61
N GLY A 191 -16.61 -12.73 6.81
CA GLY A 191 -17.41 -13.28 7.87
C GLY A 191 -18.54 -12.34 8.29
N ASP A 192 -18.32 -11.04 8.18
CA ASP A 192 -19.35 -10.07 8.54
C ASP A 192 -20.51 -10.08 7.56
N MET A 193 -20.20 -10.14 6.26
CA MET A 193 -21.26 -10.08 5.25
C MET A 193 -22.03 -11.40 5.14
N GLY A 194 -21.36 -12.52 5.42
CA GLY A 194 -22.04 -13.80 5.51
C GLY A 194 -22.65 -14.30 4.21
N ARG A 195 -22.02 -14.02 3.08
CA ARG A 195 -22.56 -14.42 1.78
C ARG A 195 -22.02 -15.78 1.37
N LYS A 196 -22.73 -16.40 0.43
CA LYS A 196 -22.32 -17.70 -0.12
C LYS A 196 -21.02 -17.55 -0.89
N MET A 197 -20.01 -18.32 -0.48
CA MET A 197 -18.70 -18.37 -1.12
C MET A 197 -17.89 -19.46 -0.45
N LEU A 198 -16.93 -20.01 -1.17
CA LEU A 198 -16.06 -21.06 -0.67
C LEU A 198 -14.61 -20.62 -0.77
N ILE A 199 -13.89 -20.73 0.33
CA ILE A 199 -12.46 -20.46 0.37
C ILE A 199 -11.75 -21.78 0.59
N VAL A 200 -10.87 -22.15 -0.34
CA VAL A 200 -10.02 -23.31 -0.18
C VAL A 200 -8.66 -22.82 0.32
N LEU A 201 -8.32 -23.18 1.55
CA LEU A 201 -7.01 -22.88 2.12
C LEU A 201 -6.08 -24.00 1.70
N ASN A 202 -5.18 -23.71 0.76
CA ASN A 202 -4.20 -24.68 0.26
C ASN A 202 -2.97 -24.57 1.15
N ASP A 203 -2.92 -25.42 2.18
CA ASP A 203 -1.93 -25.34 3.24
C ASP A 203 -0.86 -26.40 3.02
N ASN A 204 0.34 -25.97 2.61
CA ASN A 204 1.47 -26.87 2.48
C ASN A 204 2.63 -26.49 3.41
N GLU A 205 2.40 -25.58 4.36
CA GLU A 205 3.40 -25.07 5.31
C GLU A 205 4.56 -24.38 4.62
N MET A 206 4.45 -24.10 3.33
CA MET A 206 5.50 -23.48 2.55
C MET A 206 5.00 -22.15 2.00
N SER A 207 5.90 -21.16 1.95
CA SER A 207 5.69 -19.95 1.18
C SER A 207 6.67 -20.03 0.02
N ILE A 208 7.77 -19.28 0.04
CA ILE A 208 8.93 -19.63 -0.77
C ILE A 208 9.84 -20.44 0.14
N SER A 209 10.34 -19.80 1.19
CA SER A 209 10.90 -20.53 2.33
C SER A 209 9.74 -21.23 3.04
N GLU A 210 10.06 -21.87 4.16
CA GLU A 210 9.01 -22.39 5.02
C GLU A 210 8.14 -21.22 5.47
N ASN A 211 6.84 -21.47 5.60
CA ASN A 211 5.96 -20.39 5.99
C ASN A 211 6.25 -19.98 7.43
N VAL A 212 5.88 -18.76 7.77
CA VAL A 212 6.10 -18.20 9.10
C VAL A 212 4.77 -17.68 9.63
N GLY A 213 4.78 -17.23 10.88
CA GLY A 213 3.60 -16.64 11.48
C GLY A 213 2.94 -17.60 12.46
N ALA A 214 2.13 -17.03 13.35
CA ALA A 214 1.51 -17.82 14.40
C ALA A 214 0.46 -18.77 13.83
N MET A 215 -0.27 -18.33 12.81
CA MET A 215 -1.30 -19.19 12.22
CA MET A 215 -1.29 -19.20 12.22
C MET A 215 -0.68 -20.47 11.64
N ASN A 216 0.47 -20.33 10.99
CA ASN A 216 1.15 -21.51 10.46
C ASN A 216 1.56 -22.46 11.58
N LYS A 217 2.05 -21.91 12.70
CA LYS A 217 2.41 -22.76 13.83
C LYS A 217 1.19 -23.43 14.44
N PHE A 218 0.08 -22.70 14.56
CA PHE A 218 -1.13 -23.25 15.16
C PHE A 218 -1.67 -24.41 14.33
N MET A 219 -1.69 -24.26 13.01
CA MET A 219 -2.30 -25.26 12.14
C MET A 219 -1.45 -26.53 12.03
N ARG A 220 -0.17 -26.48 12.42
CA ARG A 220 0.65 -27.68 12.40
C ARG A 220 0.09 -28.76 13.32
N GLY A 221 -0.51 -28.35 14.44
CA GLY A 221 -1.08 -29.30 15.39
C GLY A 221 -2.48 -29.76 15.10
N LEU A 222 -3.07 -29.36 13.96
CA LEU A 222 -4.40 -29.80 13.60
C LEU A 222 -4.33 -31.16 12.91
N GLN A 223 -5.15 -32.10 13.39
CA GLN A 223 -5.17 -33.45 12.85
C GLN A 223 -6.05 -33.51 11.60
N VAL A 224 -5.64 -34.34 10.63
CA VAL A 224 -6.38 -34.47 9.38
C VAL A 224 -7.67 -35.24 9.61
N GLN A 225 -8.75 -34.79 8.98
CA GLN A 225 -10.06 -35.42 9.09
C GLN A 225 -10.33 -36.30 7.87
N LYS A 226 -10.89 -37.48 8.12
CA LYS A 226 -11.25 -38.43 7.07
C LYS A 226 -12.74 -38.37 6.83
N TRP A 227 -13.14 -37.95 5.64
CA TRP A 227 -14.54 -37.76 5.29
C TRP A 227 -15.09 -38.80 4.32
N PHE A 228 -14.34 -39.16 3.27
CA PHE A 228 -14.84 -40.07 2.25
C PHE A 228 -13.97 -41.32 2.21
N GLN A 229 -14.62 -42.49 2.19
CA GLN A 229 -13.94 -43.77 2.11
C GLN A 229 -14.45 -44.60 0.93
N ALA A 238 -15.11 -43.11 6.33
CA ALA A 238 -15.95 -41.93 6.40
C ALA A 238 -16.25 -41.54 7.85
N VAL A 239 -15.20 -41.42 8.67
CA VAL A 239 -15.38 -41.19 10.09
C VAL A 239 -16.05 -39.84 10.34
N GLU A 240 -15.56 -38.79 9.68
CA GLU A 240 -16.15 -37.46 9.89
C GLU A 240 -17.51 -37.33 9.22
N ALA A 241 -17.73 -38.02 8.11
CA ALA A 241 -19.04 -37.99 7.47
C ALA A 241 -20.11 -38.66 8.31
N VAL A 242 -19.71 -39.66 9.11
CA VAL A 242 -20.63 -40.32 10.02
C VAL A 242 -20.85 -39.48 11.29
N SER A 243 -19.81 -38.78 11.75
CA SER A 243 -19.90 -38.03 12.99
C SER A 243 -20.94 -36.91 12.89
N LYS A 244 -21.05 -36.28 11.71
CA LYS A 244 -21.99 -35.18 11.48
C LYS A 244 -22.94 -35.54 10.35
N PRO A 245 -23.92 -36.42 10.60
CA PRO A 245 -24.90 -36.78 9.57
C PRO A 245 -26.08 -35.82 9.53
N SER A 265 -10.46 -30.25 16.97
CA SER A 265 -11.85 -29.97 16.62
C SER A 265 -12.17 -28.49 16.75
N VAL A 266 -11.13 -27.67 16.92
CA VAL A 266 -11.30 -26.23 17.11
C VAL A 266 -11.26 -25.55 15.75
N ASN A 267 -12.06 -24.49 15.62
CA ASN A 267 -12.07 -23.66 14.42
C ASN A 267 -11.02 -22.57 14.57
N PRO A 268 -9.92 -22.60 13.81
CA PRO A 268 -8.93 -21.52 13.90
C PRO A 268 -9.47 -20.16 13.48
N PHE A 269 -10.61 -20.14 12.78
CA PHE A 269 -11.24 -18.90 12.33
C PHE A 269 -12.57 -18.67 13.05
N ALA A 270 -12.67 -19.13 14.30
CA ALA A 270 -13.93 -19.01 15.04
C ALA A 270 -14.37 -17.56 15.19
N ALA A 271 -13.41 -16.65 15.43
CA ALA A 271 -13.74 -15.24 15.54
C ALA A 271 -14.14 -14.62 14.21
N MET A 272 -13.89 -15.30 13.08
CA MET A 272 -14.26 -14.79 11.78
C MET A 272 -15.70 -15.14 11.39
N GLY A 273 -16.40 -15.95 12.18
CA GLY A 273 -17.77 -16.30 11.84
C GLY A 273 -17.91 -17.05 10.54
N VAL A 274 -16.92 -17.87 10.19
CA VAL A 274 -16.89 -18.60 8.93
C VAL A 274 -16.93 -20.09 9.22
N ARG A 275 -17.72 -20.82 8.45
CA ARG A 275 -17.71 -22.27 8.53
C ARG A 275 -16.33 -22.81 8.18
N TYR A 276 -15.85 -23.76 8.98
CA TYR A 276 -14.51 -24.30 8.83
C TYR A 276 -14.59 -25.81 8.72
N VAL A 277 -14.05 -26.36 7.62
CA VAL A 277 -14.03 -27.79 7.37
C VAL A 277 -12.58 -28.20 7.14
N GLY A 278 -12.12 -29.21 7.86
CA GLY A 278 -10.78 -29.71 7.69
C GLY A 278 -9.98 -29.70 8.99
N PRO A 279 -8.66 -29.90 8.88
CA PRO A 279 -7.95 -30.12 7.61
C PRO A 279 -8.21 -31.49 6.98
N VAL A 280 -8.22 -31.56 5.65
CA VAL A 280 -8.43 -32.80 4.93
C VAL A 280 -7.25 -33.02 3.98
N ASP A 281 -7.13 -34.26 3.51
CA ASP A 281 -6.07 -34.64 2.57
C ASP A 281 -6.30 -33.94 1.23
N GLY A 282 -5.42 -32.99 0.90
CA GLY A 282 -5.50 -32.22 -0.32
C GLY A 282 -5.06 -32.94 -1.58
N HIS A 283 -4.69 -34.22 -1.48
CA HIS A 283 -4.33 -35.02 -2.64
C HIS A 283 -5.28 -36.19 -2.88
N ASN A 284 -6.34 -36.30 -2.10
CA ASN A 284 -7.37 -37.33 -2.34
C ASN A 284 -8.45 -36.68 -3.19
N VAL A 285 -8.32 -36.82 -4.51
CA VAL A 285 -9.16 -36.05 -5.43
C VAL A 285 -10.62 -36.47 -5.33
N GLN A 286 -10.90 -37.76 -5.09
CA GLN A 286 -12.29 -38.19 -4.99
C GLN A 286 -12.95 -37.67 -3.72
N GLU A 287 -12.20 -37.64 -2.60
CA GLU A 287 -12.74 -37.07 -1.37
C GLU A 287 -12.94 -35.57 -1.49
N LEU A 288 -12.04 -34.88 -2.20
CA LEU A 288 -12.24 -33.45 -2.42
C LEU A 288 -13.51 -33.20 -3.23
N VAL A 289 -13.75 -34.02 -4.26
CA VAL A 289 -14.99 -33.93 -5.02
C VAL A 289 -16.19 -34.15 -4.11
N TRP A 290 -16.15 -35.23 -3.32
CA TRP A 290 -17.23 -35.53 -2.39
C TRP A 290 -17.49 -34.36 -1.44
N LEU A 291 -16.42 -33.74 -0.93
CA LEU A 291 -16.57 -32.61 -0.01
C LEU A 291 -17.10 -31.37 -0.71
N LEU A 292 -16.53 -31.03 -1.87
CA LEU A 292 -16.96 -29.83 -2.58
C LEU A 292 -18.45 -29.90 -2.94
N GLU A 293 -18.92 -31.08 -3.36
CA GLU A 293 -20.33 -31.23 -3.70
C GLU A 293 -21.22 -30.91 -2.52
N ARG A 294 -20.76 -31.21 -1.30
CA ARG A 294 -21.57 -31.05 -0.11
C ARG A 294 -21.33 -29.73 0.62
N LEU A 295 -20.51 -28.85 0.06
CA LEU A 295 -20.21 -27.55 0.67
C LEU A 295 -20.62 -26.36 -0.18
N VAL A 296 -20.51 -26.45 -1.50
CA VAL A 296 -20.59 -25.24 -2.33
C VAL A 296 -21.98 -24.63 -2.34
N ASP A 297 -23.02 -25.38 -1.95
CA ASP A 297 -24.37 -24.87 -1.97
C ASP A 297 -24.89 -24.47 -0.60
N LEU A 298 -24.05 -24.51 0.43
CA LEU A 298 -24.46 -24.13 1.78
C LEU A 298 -24.53 -22.61 1.91
N ASP A 299 -25.31 -22.17 2.89
CA ASP A 299 -25.41 -20.75 3.20
C ASP A 299 -24.13 -20.26 3.88
N GLY A 300 -23.77 -19.00 3.59
CA GLY A 300 -22.65 -18.38 4.25
C GLY A 300 -21.30 -18.83 3.75
N PRO A 301 -20.24 -18.15 4.20
CA PRO A 301 -18.89 -18.48 3.74
C PRO A 301 -18.31 -19.69 4.43
N THR A 302 -17.52 -20.45 3.67
CA THR A 302 -16.90 -21.67 4.16
C THR A 302 -15.41 -21.65 3.82
N ILE A 303 -14.59 -22.05 4.78
CA ILE A 303 -13.17 -22.31 4.54
C ILE A 303 -12.98 -23.82 4.52
N LEU A 304 -12.54 -24.35 3.38
CA LEU A 304 -12.13 -25.75 3.27
C LEU A 304 -10.62 -25.80 3.40
N HIS A 305 -10.15 -26.32 4.53
CA HIS A 305 -8.72 -26.39 4.83
C HIS A 305 -8.17 -27.72 4.30
N ILE A 306 -7.34 -27.65 3.27
CA ILE A 306 -6.71 -28.85 2.72
C ILE A 306 -5.22 -28.79 3.01
N VAL A 307 -4.61 -29.98 3.12
CA VAL A 307 -3.19 -30.13 3.38
C VAL A 307 -2.55 -30.75 2.14
N THR A 308 -1.60 -30.05 1.55
CA THR A 308 -0.91 -30.53 0.36
C THR A 308 0.59 -30.57 0.61
N THR A 309 1.27 -31.36 -0.21
CA THR A 309 2.73 -31.44 -0.23
C THR A 309 3.23 -30.63 -1.42
N LYS A 310 3.99 -29.58 -1.15
CA LYS A 310 4.53 -28.79 -2.25
C LYS A 310 5.45 -29.66 -3.09
N GLY A 311 5.25 -29.65 -4.40
CA GLY A 311 5.98 -30.51 -5.30
C GLY A 311 5.46 -31.92 -5.41
N LYS A 312 4.24 -32.19 -4.92
CA LYS A 312 3.68 -33.53 -4.90
C LYS A 312 3.73 -34.18 -6.29
N GLY A 313 4.31 -35.37 -6.36
CA GLY A 313 4.42 -36.12 -7.60
C GLY A 313 5.82 -36.22 -8.15
N LEU A 314 6.73 -35.35 -7.71
CA LEU A 314 8.13 -35.40 -8.11
C LEU A 314 8.97 -35.48 -6.85
N SER A 315 9.71 -36.59 -6.70
CA SER A 315 10.41 -36.86 -5.44
C SER A 315 11.41 -35.76 -5.10
N TYR A 316 12.14 -35.27 -6.11
CA TYR A 316 13.13 -34.22 -5.86
C TYR A 316 12.46 -32.94 -5.37
N ALA A 317 11.29 -32.62 -5.94
CA ALA A 317 10.58 -31.39 -5.57
C ALA A 317 9.98 -31.51 -4.17
N GLU A 318 9.48 -32.69 -3.81
CA GLU A 318 8.95 -32.89 -2.47
C GLU A 318 10.05 -32.77 -1.42
N ALA A 319 11.26 -33.23 -1.74
CA ALA A 319 12.36 -33.22 -0.77
C ALA A 319 12.92 -31.82 -0.57
N ASP A 320 12.89 -30.98 -1.59
CA ASP A 320 13.37 -29.60 -1.49
C ASP A 320 12.39 -28.69 -2.22
N PRO A 321 11.27 -28.36 -1.57
CA PRO A 321 10.27 -27.50 -2.22
C PRO A 321 10.72 -26.05 -2.34
N ILE A 322 11.83 -25.66 -1.71
CA ILE A 322 12.31 -24.31 -1.85
C ILE A 322 12.93 -24.10 -3.23
N TYR A 323 13.94 -24.91 -3.58
CA TYR A 323 14.55 -24.76 -4.89
C TYR A 323 13.54 -25.05 -5.99
N TRP A 324 12.76 -26.12 -5.84
CA TRP A 324 11.86 -26.56 -6.90
C TRP A 324 10.59 -25.72 -6.99
N HIS A 325 10.45 -24.71 -6.13
CA HIS A 325 9.45 -23.68 -6.36
C HIS A 325 9.64 -23.02 -7.71
N GLY A 326 10.89 -22.89 -8.16
CA GLY A 326 11.18 -22.32 -9.45
C GLY A 326 12.50 -22.83 -10.00
N PRO A 327 12.51 -24.07 -10.49
CA PRO A 327 13.77 -24.69 -10.90
C PRO A 327 14.23 -24.24 -12.27
N ALA A 328 15.54 -24.31 -12.47
CA ALA A 328 16.13 -24.07 -13.78
C ALA A 328 15.85 -25.29 -14.66
N LYS A 329 16.40 -25.29 -15.87
CA LYS A 329 16.24 -26.43 -16.77
C LYS A 329 16.72 -27.70 -16.07
N PHE A 330 15.90 -28.75 -16.09
CA PHE A 330 16.21 -29.96 -15.34
C PHE A 330 15.81 -31.21 -16.12
N ASP A 331 16.38 -32.34 -15.69
CA ASP A 331 16.06 -33.64 -16.24
C ASP A 331 15.02 -34.29 -15.34
N PRO A 332 13.80 -34.51 -15.82
CA PRO A 332 12.76 -35.09 -14.95
C PRO A 332 13.09 -36.46 -14.40
N ALA A 333 13.91 -37.24 -15.12
CA ALA A 333 14.24 -38.59 -14.69
C ALA A 333 15.32 -38.63 -13.61
N THR A 334 16.14 -37.59 -13.50
CA THR A 334 17.24 -37.58 -12.54
C THR A 334 17.14 -36.49 -11.49
N GLY A 335 16.39 -35.42 -11.76
CA GLY A 335 16.34 -34.28 -10.86
C GLY A 335 17.52 -33.34 -10.94
N GLU A 336 18.51 -33.64 -11.78
CA GLU A 336 19.66 -32.75 -11.92
C GLU A 336 19.29 -31.54 -12.77
N TYR A 337 19.76 -30.38 -12.35
CA TYR A 337 19.40 -29.12 -12.98
C TYR A 337 20.64 -28.28 -13.27
N VAL A 338 20.46 -27.32 -14.17
CA VAL A 338 21.52 -26.40 -14.56
C VAL A 338 21.75 -25.39 -13.43
N PRO A 339 22.93 -25.40 -12.81
N PRO A 339 22.94 -25.36 -12.83
CA PRO A 339 23.16 -24.48 -11.68
CA PRO A 339 23.20 -24.37 -11.79
C PRO A 339 23.41 -23.07 -12.17
C PRO A 339 23.06 -22.95 -12.32
N SER A 340 22.74 -22.11 -11.53
N SER A 340 22.55 -22.05 -11.48
CA SER A 340 22.95 -20.70 -11.85
CA SER A 340 22.32 -20.67 -11.86
C SER A 340 24.34 -20.24 -11.38
C SER A 340 23.57 -19.83 -11.59
N SER A 341 25.36 -20.48 -12.20
N SER A 341 23.47 -18.54 -11.90
CA SER A 341 26.75 -20.11 -11.90
CA SER A 341 24.58 -17.63 -11.71
C SER A 341 27.00 -18.60 -11.96
C SER A 341 24.75 -17.29 -10.23
N ALA A 342 25.97 -17.80 -12.18
N ALA A 342 25.98 -17.40 -9.74
CA ALA A 342 26.13 -16.36 -12.26
CA ALA A 342 26.31 -17.05 -8.37
C ALA A 342 26.13 -15.73 -10.87
C ALA A 342 26.64 -15.57 -8.21
N TYR A 343 26.61 -14.49 -10.83
N TYR A 343 26.47 -14.77 -9.26
CA TYR A 343 26.68 -13.70 -9.59
CA TYR A 343 26.88 -13.37 -9.27
C TYR A 343 25.67 -12.57 -9.71
C TYR A 343 25.72 -12.43 -9.58
N SER A 344 24.54 -12.70 -9.01
CA SER A 344 23.44 -11.77 -9.15
C SER A 344 23.64 -10.54 -8.28
N TRP A 345 22.89 -9.47 -8.61
CA TRP A 345 22.80 -8.33 -7.70
C TRP A 345 22.33 -8.77 -6.32
N SER A 346 21.42 -9.75 -6.27
CA SER A 346 20.95 -10.26 -4.98
C SER A 346 22.10 -10.83 -4.17
N ALA A 347 22.98 -11.59 -4.82
CA ALA A 347 24.14 -12.15 -4.12
C ALA A 347 25.11 -11.05 -3.69
N ALA A 348 25.24 -9.99 -4.49
CA ALA A 348 26.12 -8.89 -4.11
C ALA A 348 25.60 -8.16 -2.88
N PHE A 349 24.29 -7.94 -2.82
CA PHE A 349 23.68 -7.34 -1.63
C PHE A 349 23.83 -8.25 -0.43
N GLY A 350 23.52 -9.54 -0.60
CA GLY A 350 23.62 -10.48 0.51
C GLY A 350 25.02 -10.55 1.09
N GLU A 351 26.02 -10.60 0.22
CA GLU A 351 27.41 -10.59 0.69
C GLU A 351 27.73 -9.29 1.44
N ALA A 352 27.28 -8.15 0.89
CA ALA A 352 27.59 -6.86 1.49
C ALA A 352 26.95 -6.72 2.88
N VAL A 353 25.68 -7.07 3.00
CA VAL A 353 24.99 -6.84 4.27
C VAL A 353 25.42 -7.86 5.32
N THR A 354 25.76 -9.10 4.90
CA THR A 354 26.31 -10.07 5.85
C THR A 354 27.65 -9.62 6.39
N GLU A 355 28.46 -9.02 5.52
CA GLU A 355 29.75 -8.46 5.92
C GLU A 355 29.55 -7.26 6.84
N TRP A 356 28.64 -6.36 6.47
CA TRP A 356 28.41 -5.14 7.24
C TRP A 356 27.93 -5.46 8.66
N ALA A 357 27.02 -6.42 8.80
CA ALA A 357 26.45 -6.73 10.11
C ALA A 357 27.46 -7.34 11.07
N LYS A 358 28.60 -7.83 10.57
CA LYS A 358 29.61 -8.36 11.47
C LYS A 358 30.22 -7.29 12.37
N THR A 359 30.35 -6.06 11.86
CA THR A 359 30.93 -4.97 12.64
C THR A 359 29.90 -3.96 13.13
N ASP A 360 28.64 -4.08 12.71
CA ASP A 360 27.59 -3.17 13.13
C ASP A 360 26.48 -3.97 13.82
N PRO A 361 26.50 -4.07 15.15
CA PRO A 361 25.43 -4.81 15.84
C PRO A 361 24.05 -4.16 15.76
N ARG A 362 23.93 -2.95 15.23
CA ARG A 362 22.62 -2.33 15.09
C ARG A 362 21.91 -2.71 13.79
N THR A 363 22.63 -3.33 12.84
CA THR A 363 22.00 -3.74 11.60
C THR A 363 21.09 -4.94 11.84
N PHE A 364 19.89 -4.88 11.27
CA PHE A 364 18.85 -5.89 11.41
C PHE A 364 18.12 -5.93 10.08
N VAL A 365 18.06 -7.10 9.45
CA VAL A 365 17.46 -7.23 8.11
C VAL A 365 16.07 -7.83 8.24
N VAL A 366 15.11 -7.21 7.55
CA VAL A 366 13.72 -7.66 7.51
C VAL A 366 13.35 -7.96 6.06
N THR A 367 12.78 -9.13 5.81
CA THR A 367 12.26 -9.46 4.50
C THR A 367 10.82 -9.92 4.61
N PRO A 368 9.98 -9.58 3.62
CA PRO A 368 8.62 -10.16 3.57
C PRO A 368 8.60 -11.40 2.69
N ALA A 369 9.01 -12.52 3.28
CA ALA A 369 8.93 -13.87 2.72
C ALA A 369 9.87 -14.10 1.53
N MET A 370 10.88 -13.26 1.33
CA MET A 370 11.75 -13.40 0.16
C MET A 370 13.22 -13.57 0.55
N ARG A 371 13.47 -14.41 1.56
CA ARG A 371 14.84 -14.72 1.95
C ARG A 371 15.68 -15.21 0.77
N GLU A 372 15.12 -16.10 -0.05
CA GLU A 372 15.88 -16.65 -1.16
C GLU A 372 16.09 -15.62 -2.26
N GLY A 373 15.01 -14.99 -2.74
CA GLY A 373 15.13 -14.09 -3.87
C GLY A 373 15.99 -12.87 -3.58
N SER A 374 15.87 -12.32 -2.37
CA SER A 374 16.66 -11.15 -1.99
C SER A 374 18.11 -11.49 -1.65
N GLY A 375 18.48 -12.77 -1.63
CA GLY A 375 19.86 -13.16 -1.41
C GLY A 375 20.29 -13.26 0.04
N LEU A 376 19.37 -13.59 0.93
CA LEU A 376 19.59 -13.51 2.37
C LEU A 376 19.72 -14.86 3.05
N VAL A 377 19.94 -15.95 2.29
CA VAL A 377 20.06 -17.26 2.91
C VAL A 377 21.28 -17.30 3.82
N GLU A 378 22.45 -16.88 3.31
CA GLU A 378 23.64 -16.90 4.14
C GLU A 378 23.55 -15.91 5.30
N PHE A 379 22.93 -14.75 5.07
CA PHE A 379 22.75 -13.79 6.15
C PHE A 379 21.96 -14.41 7.30
N SER A 380 20.85 -15.07 6.98
CA SER A 380 19.99 -15.66 8.00
C SER A 380 20.72 -16.73 8.79
N ARG A 381 21.73 -17.37 8.18
CA ARG A 381 22.52 -18.37 8.90
CA ARG A 381 22.54 -18.37 8.87
C ARG A 381 23.65 -17.73 9.70
N VAL A 382 24.27 -16.66 9.16
CA VAL A 382 25.38 -16.04 9.87
C VAL A 382 24.88 -15.10 10.97
N HIS A 383 23.75 -14.43 10.77
CA HIS A 383 23.20 -13.47 11.72
C HIS A 383 21.78 -13.84 12.11
N PRO A 384 21.58 -15.02 12.72
CA PRO A 384 20.19 -15.45 12.99
C PRO A 384 19.43 -14.56 13.95
N HIS A 385 20.12 -13.84 14.82
CA HIS A 385 19.48 -12.94 15.78
C HIS A 385 19.32 -11.52 15.24
N ARG A 386 19.59 -11.31 13.95
CA ARG A 386 19.42 -10.02 13.30
C ARG A 386 18.64 -10.17 12.01
N TYR A 387 17.76 -11.16 11.95
CA TYR A 387 17.01 -11.51 10.75
C TYR A 387 15.55 -11.72 11.12
N LEU A 388 14.65 -11.16 10.30
CA LEU A 388 13.22 -11.27 10.54
C LEU A 388 12.50 -11.50 9.23
N ASP A 389 11.64 -12.52 9.18
CA ASP A 389 10.75 -12.80 8.07
C ASP A 389 9.32 -12.58 8.55
N VAL A 390 8.64 -11.57 8.00
CA VAL A 390 7.29 -11.21 8.44
C VAL A 390 6.22 -11.89 7.60
N GLY A 391 6.58 -12.84 6.74
CA GLY A 391 5.61 -13.41 5.82
C GLY A 391 5.33 -12.47 4.67
N ILE A 392 4.25 -12.74 3.94
CA ILE A 392 3.92 -11.92 2.78
C ILE A 392 3.15 -10.69 3.27
N ALA A 393 3.82 -9.84 4.05
CA ALA A 393 3.20 -8.68 4.66
C ALA A 393 4.21 -7.53 4.59
N GLU A 394 4.40 -7.01 3.38
CA GLU A 394 5.31 -5.88 3.17
C GLU A 394 4.97 -4.71 4.09
N GLU A 395 3.68 -4.50 4.36
CA GLU A 395 3.27 -3.42 5.25
CA GLU A 395 3.27 -3.42 5.25
C GLU A 395 3.86 -3.61 6.65
N VAL A 396 3.86 -4.85 7.14
CA VAL A 396 4.41 -5.12 8.47
C VAL A 396 5.93 -4.99 8.46
N ALA A 397 6.57 -5.37 7.36
CA ALA A 397 8.03 -5.31 7.28
C ALA A 397 8.53 -3.88 7.46
N VAL A 398 7.90 -2.92 6.78
CA VAL A 398 8.38 -1.55 6.80
C VAL A 398 8.10 -0.90 8.15
N THR A 399 6.91 -1.11 8.70
CA THR A 399 6.58 -0.47 9.97
C THR A 399 7.32 -1.12 11.14
N THR A 400 7.55 -2.43 11.08
CA THR A 400 8.42 -3.06 12.08
C THR A 400 9.81 -2.46 12.06
N ALA A 401 10.37 -2.26 10.86
CA ALA A 401 11.65 -1.59 10.73
C ALA A 401 11.60 -0.18 11.32
N ALA A 402 10.50 0.53 11.11
CA ALA A 402 10.34 1.85 11.71
C ALA A 402 10.45 1.79 13.22
N GLY A 403 9.77 0.81 13.84
CA GLY A 403 9.88 0.65 15.28
C GLY A 403 11.30 0.33 15.73
N MET A 404 12.02 -0.49 14.95
CA MET A 404 13.42 -0.78 15.28
C MET A 404 14.26 0.48 15.22
N ALA A 405 14.07 1.30 14.18
CA ALA A 405 14.82 2.53 14.05
C ALA A 405 14.54 3.49 15.19
N LEU A 406 13.29 3.50 15.68
CA LEU A 406 12.94 4.35 16.83
C LEU A 406 13.67 3.91 18.09
N GLN A 407 14.04 2.64 18.19
CA GLN A 407 14.78 2.14 19.35
C GLN A 407 16.29 2.05 19.09
N GLY A 408 16.80 2.78 18.10
CA GLY A 408 18.23 2.92 17.93
C GLY A 408 18.89 1.91 17.02
N MET A 409 18.13 1.05 16.36
CA MET A 409 18.69 0.09 15.43
C MET A 409 18.86 0.73 14.05
N ARG A 410 19.53 -0.01 13.16
CA ARG A 410 19.78 0.42 11.79
C ARG A 410 19.18 -0.61 10.84
N PRO A 411 17.85 -0.70 10.77
CA PRO A 411 17.22 -1.78 10.01
C PRO A 411 17.39 -1.61 8.51
N VAL A 412 17.50 -2.75 7.83
CA VAL A 412 17.50 -2.81 6.38
C VAL A 412 16.27 -3.62 5.97
N VAL A 413 15.41 -3.02 5.14
CA VAL A 413 14.28 -3.72 4.53
C VAL A 413 14.73 -4.18 3.16
N ALA A 414 14.82 -5.49 2.97
CA ALA A 414 15.08 -6.08 1.67
C ALA A 414 13.74 -6.41 1.03
N ILE A 415 13.50 -5.90 -0.17
CA ILE A 415 12.17 -5.98 -0.77
C ILE A 415 12.30 -5.71 -2.26
N TYR A 416 11.48 -6.42 -3.06
CA TYR A 416 11.42 -6.15 -4.49
C TYR A 416 10.67 -4.85 -4.75
N SER A 417 11.05 -4.16 -5.83
CA SER A 417 10.36 -2.92 -6.20
C SER A 417 8.85 -3.14 -6.33
N THR A 418 8.44 -4.20 -7.04
CA THR A 418 7.01 -4.39 -7.27
C THR A 418 6.27 -4.61 -5.95
N PHE A 419 6.90 -5.30 -4.99
CA PHE A 419 6.25 -5.57 -3.73
C PHE A 419 6.33 -4.39 -2.76
N LEU A 420 7.32 -3.50 -2.94
CA LEU A 420 7.38 -2.29 -2.13
C LEU A 420 6.14 -1.43 -2.33
N GLN A 421 5.48 -1.55 -3.48
CA GLN A 421 4.23 -0.84 -3.71
C GLN A 421 3.22 -1.09 -2.60
N ARG A 422 3.22 -2.30 -2.03
CA ARG A 422 2.30 -2.62 -0.95
C ARG A 422 2.55 -1.80 0.31
N ALA A 423 3.76 -1.27 0.48
CA ALA A 423 4.12 -0.56 1.69
C ALA A 423 4.29 0.94 1.46
N TYR A 424 3.65 1.48 0.43
CA TYR A 424 3.79 2.90 0.13
C TYR A 424 3.44 3.77 1.32
N ASP A 425 2.28 3.55 1.93
CA ASP A 425 1.89 4.40 3.06
C ASP A 425 2.78 4.18 4.28
N GLN A 426 3.27 2.96 4.47
CA GLN A 426 4.14 2.71 5.60
C GLN A 426 5.49 3.41 5.43
N VAL A 427 6.01 3.47 4.20
CA VAL A 427 7.20 4.28 3.96
C VAL A 427 6.92 5.75 4.26
N LEU A 428 5.83 6.27 3.69
CA LEU A 428 5.52 7.70 3.82
C LEU A 428 5.17 8.05 5.26
N HIS A 429 4.19 7.36 5.83
CA HIS A 429 3.64 7.75 7.13
C HIS A 429 4.49 7.28 8.30
N ASP A 430 4.99 6.04 8.25
CA ASP A 430 5.65 5.45 9.41
C ASP A 430 7.16 5.67 9.43
N VAL A 431 7.79 5.92 8.28
CA VAL A 431 9.24 6.10 8.18
C VAL A 431 9.61 7.56 7.92
N ALA A 432 8.94 8.18 6.94
CA ALA A 432 9.41 9.45 6.42
C ALA A 432 9.00 10.64 7.28
N ILE A 433 7.84 10.58 7.93
CA ILE A 433 7.38 11.74 8.70
C ILE A 433 8.38 12.09 9.81
N GLU A 434 8.88 11.08 10.53
CA GLU A 434 9.90 11.30 11.54
C GLU A 434 11.31 11.04 11.02
N HIS A 435 11.47 10.85 9.70
CA HIS A 435 12.79 10.77 9.07
C HIS A 435 13.63 9.65 9.69
N LEU A 436 13.06 8.44 9.74
CA LEU A 436 13.63 7.35 10.52
C LEU A 436 14.72 6.59 9.74
N ASN A 437 15.60 5.93 10.50
CA ASN A 437 16.77 5.24 9.97
C ASN A 437 16.41 3.86 9.40
N VAL A 438 15.62 3.88 8.34
CA VAL A 438 15.33 2.65 7.59
C VAL A 438 16.04 2.73 6.25
N THR A 439 16.80 1.69 5.94
CA THR A 439 17.45 1.54 4.64
C THR A 439 16.69 0.50 3.84
N PHE A 440 16.33 0.84 2.61
CA PHE A 440 15.60 -0.05 1.72
C PHE A 440 16.55 -0.53 0.62
N CYS A 441 16.78 -1.84 0.56
CA CYS A 441 17.55 -2.43 -0.52
C CYS A 441 16.57 -3.11 -1.47
N ILE A 442 16.40 -2.53 -2.65
CA ILE A 442 15.26 -2.80 -3.52
C ILE A 442 15.75 -3.60 -4.72
N ASP A 443 15.42 -4.89 -4.74
CA ASP A 443 15.78 -5.83 -5.79
C ASP A 443 14.69 -5.80 -6.88
N ARG A 444 15.00 -6.41 -8.02
CA ARG A 444 14.06 -6.50 -9.14
C ARG A 444 13.51 -5.12 -9.53
N ALA A 445 14.38 -4.11 -9.48
CA ALA A 445 13.99 -2.77 -9.88
C ALA A 445 14.03 -2.67 -11.40
N GLY A 446 13.02 -2.02 -11.96
CA GLY A 446 12.88 -1.98 -13.40
C GLY A 446 12.11 -3.17 -13.93
N ILE A 447 12.24 -3.38 -15.25
CA ILE A 447 11.57 -4.50 -15.90
C ILE A 447 12.18 -5.81 -15.42
N VAL A 448 11.32 -6.73 -14.98
CA VAL A 448 11.76 -8.07 -14.61
C VAL A 448 11.56 -9.07 -15.75
N GLY A 449 10.67 -8.78 -16.69
CA GLY A 449 10.57 -9.59 -17.88
C GLY A 449 9.45 -10.61 -17.85
N ALA A 450 9.82 -11.88 -17.67
CA ALA A 450 8.91 -13.00 -17.90
C ALA A 450 7.70 -12.98 -16.97
N ASP A 451 7.80 -12.33 -15.81
CA ASP A 451 6.67 -12.29 -14.89
C ASP A 451 5.65 -11.22 -15.25
N GLY A 452 5.97 -10.32 -16.17
CA GLY A 452 4.95 -9.46 -16.75
C GLY A 452 4.53 -8.29 -15.86
N ALA A 453 3.32 -7.80 -16.16
CA ALA A 453 2.86 -6.52 -15.63
C ALA A 453 2.68 -6.53 -14.12
N THR A 454 2.33 -7.68 -13.54
CA THR A 454 2.13 -7.72 -12.09
C THR A 454 3.43 -7.63 -11.31
N HIS A 455 4.58 -7.86 -11.96
CA HIS A 455 5.87 -7.92 -11.26
C HIS A 455 6.90 -6.90 -11.72
N ASN A 456 6.69 -6.22 -12.85
CA ASN A 456 7.67 -5.26 -13.35
C ASN A 456 7.77 -4.08 -12.37
N GLY A 457 8.95 -3.88 -11.80
CA GLY A 457 9.12 -2.83 -10.81
C GLY A 457 9.54 -1.50 -11.41
N VAL A 458 8.64 -0.89 -12.19
CA VAL A 458 8.99 0.30 -12.95
C VAL A 458 8.36 1.56 -12.37
N PHE A 459 7.97 1.54 -11.10
CA PHE A 459 7.33 2.70 -10.50
C PHE A 459 8.05 3.28 -9.30
N ASP A 460 9.08 2.63 -8.75
CA ASP A 460 9.63 3.09 -7.47
C ASP A 460 10.34 4.43 -7.59
N LEU A 461 10.93 4.75 -8.75
CA LEU A 461 11.54 6.06 -8.90
C LEU A 461 10.48 7.16 -8.94
N SER A 462 9.22 6.81 -9.18
CA SER A 462 8.13 7.79 -9.15
C SER A 462 7.49 7.88 -7.77
N PHE A 463 7.07 6.75 -7.19
CA PHE A 463 6.32 6.89 -5.92
C PHE A 463 7.24 7.18 -4.73
N LEU A 464 8.50 6.75 -4.75
CA LEU A 464 9.40 7.11 -3.65
C LEU A 464 9.84 8.57 -3.75
N ARG A 465 10.00 9.08 -4.96
CA ARG A 465 10.58 10.40 -5.18
C ARG A 465 9.74 11.51 -4.56
N SER A 466 8.42 11.34 -4.52
CA SER A 466 7.55 12.39 -3.99
C SER A 466 7.33 12.28 -2.49
N ILE A 467 8.01 11.37 -1.80
CA ILE A 467 7.95 11.29 -0.34
C ILE A 467 9.05 12.16 0.23
N PRO A 468 8.74 13.13 1.08
CA PRO A 468 9.79 13.98 1.65
C PRO A 468 10.84 13.17 2.42
N GLY A 469 12.11 13.47 2.14
CA GLY A 469 13.20 12.92 2.91
C GLY A 469 13.68 11.54 2.49
N VAL A 470 13.07 10.91 1.48
CA VAL A 470 13.49 9.58 1.04
C VAL A 470 14.55 9.74 -0.03
N ARG A 471 15.79 9.41 0.30
CA ARG A 471 16.88 9.45 -0.67
C ARG A 471 16.87 8.17 -1.51
N ILE A 472 17.29 8.29 -2.77
CA ILE A 472 17.19 7.22 -3.75
C ILE A 472 18.50 7.11 -4.53
N GLY A 473 19.10 5.92 -4.53
CA GLY A 473 20.34 5.71 -5.24
C GLY A 473 20.27 4.50 -6.16
N LEU A 474 21.03 4.58 -7.26
CA LEU A 474 21.11 3.52 -8.26
C LEU A 474 22.57 3.14 -8.45
N PRO A 475 23.02 2.02 -7.88
CA PRO A 475 24.44 1.67 -7.97
C PRO A 475 24.79 1.08 -9.33
N LYS A 476 25.93 1.51 -9.87
CA LYS A 476 26.36 0.97 -11.15
C LYS A 476 27.01 -0.40 -11.03
N ASP A 477 27.57 -0.72 -9.87
CA ASP A 477 28.23 -2.01 -9.63
C ASP A 477 28.18 -2.33 -8.15
N ALA A 478 28.82 -3.44 -7.76
CA ALA A 478 28.77 -3.88 -6.37
C ALA A 478 29.54 -2.95 -5.44
N ALA A 479 30.64 -2.35 -5.90
CA ALA A 479 31.36 -1.41 -5.06
C ALA A 479 30.50 -0.19 -4.74
N GLU A 480 29.77 0.30 -5.74
CA GLU A 480 28.87 1.44 -5.51
C GLU A 480 27.68 1.04 -4.65
N LEU A 481 27.21 -0.20 -4.78
CA LEU A 481 26.17 -0.70 -3.88
C LEU A 481 26.67 -0.67 -2.44
N ARG A 482 27.88 -1.16 -2.21
CA ARG A 482 28.47 -1.13 -0.88
C ARG A 482 28.67 0.30 -0.39
N GLY A 483 29.11 1.21 -1.27
CA GLY A 483 29.25 2.60 -0.88
C GLY A 483 27.94 3.23 -0.44
N MET A 484 26.85 2.89 -1.13
CA MET A 484 25.55 3.44 -0.78
C MET A 484 24.99 2.80 0.47
N LEU A 485 25.16 1.49 0.64
CA LEU A 485 24.74 0.83 1.86
C LEU A 485 25.51 1.37 3.06
N LYS A 486 26.83 1.56 2.92
CA LYS A 486 27.63 2.16 3.98
C LYS A 486 27.11 3.54 4.33
N TYR A 487 26.85 4.37 3.32
CA TYR A 487 26.35 5.72 3.59
C TYR A 487 25.01 5.68 4.31
N ALA A 488 24.09 4.85 3.83
CA ALA A 488 22.74 4.81 4.38
C ALA A 488 22.74 4.36 5.84
N GLN A 489 23.58 3.38 6.17
CA GLN A 489 23.62 2.83 7.52
C GLN A 489 24.33 3.75 8.52
N THR A 490 25.01 4.80 8.05
CA THR A 490 25.74 5.71 8.92
C THR A 490 25.23 7.15 8.87
N HIS A 491 24.11 7.40 8.20
CA HIS A 491 23.58 8.75 8.08
C HIS A 491 22.09 8.76 8.42
N ASP A 492 21.60 9.93 8.79
CA ASP A 492 20.25 10.06 9.34
C ASP A 492 19.20 9.95 8.25
N GLY A 493 18.08 9.33 8.60
CA GLY A 493 16.92 9.31 7.73
C GLY A 493 16.87 8.12 6.81
N PRO A 494 15.82 8.05 5.99
CA PRO A 494 15.63 6.90 5.10
C PRO A 494 16.39 7.02 3.79
N PHE A 495 16.86 5.88 3.31
CA PHE A 495 17.57 5.77 2.04
C PHE A 495 17.04 4.55 1.29
N ALA A 496 16.88 4.70 -0.02
CA ALA A 496 16.46 3.61 -0.90
C ALA A 496 17.57 3.35 -1.91
N ILE A 497 17.90 2.08 -2.12
CA ILE A 497 18.93 1.65 -3.06
C ILE A 497 18.28 0.59 -3.96
N ARG A 498 18.15 0.89 -5.25
CA ARG A 498 17.40 0.02 -6.15
C ARG A 498 18.31 -0.52 -7.24
N TYR A 499 18.18 -1.82 -7.52
CA TYR A 499 19.03 -2.51 -8.48
C TYR A 499 18.21 -3.57 -9.18
N PRO A 500 18.58 -3.96 -10.40
CA PRO A 500 17.72 -4.82 -11.20
C PRO A 500 17.94 -6.31 -10.97
N ARG A 501 16.97 -7.08 -11.43
CA ARG A 501 17.22 -8.49 -11.72
C ARG A 501 18.36 -8.58 -12.73
N GLY A 502 19.33 -9.44 -12.46
CA GLY A 502 20.48 -9.57 -13.32
C GLY A 502 21.75 -9.68 -12.51
N ASN A 503 22.89 -9.63 -13.20
CA ASN A 503 24.17 -9.98 -12.62
C ASN A 503 25.11 -8.78 -12.60
N THR A 504 26.09 -8.85 -11.70
CA THR A 504 27.15 -7.86 -11.62
C THR A 504 28.38 -8.53 -11.03
N ALA A 505 29.54 -7.98 -11.35
CA ALA A 505 30.79 -8.61 -10.96
C ALA A 505 30.95 -8.60 -9.44
N GLN A 506 31.54 -9.67 -8.92
CA GLN A 506 31.87 -9.74 -7.51
C GLN A 506 33.04 -8.82 -7.19
N VAL A 507 33.01 -8.23 -5.99
CA VAL A 507 34.11 -7.39 -5.53
C VAL A 507 34.68 -8.02 -4.28
N PRO A 508 35.94 -7.71 -3.93
CA PRO A 508 36.56 -8.35 -2.76
C PRO A 508 35.86 -7.95 -1.47
N ALA A 509 35.90 -8.86 -0.50
CA ALA A 509 35.44 -8.51 0.84
C ALA A 509 36.23 -7.32 1.35
N GLY A 510 35.58 -6.50 2.17
CA GLY A 510 36.22 -5.29 2.65
C GLY A 510 36.14 -4.11 1.70
N THR A 511 35.41 -4.24 0.59
CA THR A 511 35.20 -3.13 -0.34
C THR A 511 34.13 -2.22 0.26
N TRP A 512 34.53 -1.07 0.77
CA TRP A 512 33.60 -0.13 1.40
C TRP A 512 34.02 1.29 1.06
N PRO A 513 33.79 1.72 -0.18
CA PRO A 513 34.20 3.06 -0.59
C PRO A 513 33.34 4.13 0.05
N ASP A 514 33.93 5.30 0.23
CA ASP A 514 33.19 6.47 0.69
C ASP A 514 32.68 7.25 -0.50
N LEU A 515 31.39 7.50 -0.55
CA LEU A 515 30.81 8.36 -1.57
C LEU A 515 30.00 9.46 -0.90
N LYS A 516 29.84 10.56 -1.62
CA LYS A 516 29.01 11.67 -1.16
C LYS A 516 27.63 11.46 -1.78
N TRP A 517 26.64 11.18 -0.94
CA TRP A 517 25.30 10.95 -1.44
C TRP A 517 24.78 12.20 -2.14
N GLY A 518 24.28 12.03 -3.36
CA GLY A 518 23.81 13.14 -4.16
C GLY A 518 24.77 13.64 -5.21
N GLU A 519 26.01 13.14 -5.23
CA GLU A 519 26.98 13.55 -6.23
C GLU A 519 27.02 12.52 -7.36
N TRP A 520 26.80 12.99 -8.59
CA TRP A 520 26.94 12.14 -9.77
C TRP A 520 28.41 12.01 -10.14
N GLU A 521 28.70 11.18 -11.13
CA GLU A 521 30.06 11.00 -11.63
C GLU A 521 30.03 10.96 -13.14
N ARG A 522 30.79 11.85 -13.79
CA ARG A 522 30.92 11.80 -15.24
C ARG A 522 31.82 10.63 -15.65
N LEU A 523 31.35 9.84 -16.61
CA LEU A 523 32.11 8.69 -17.08
C LEU A 523 32.61 8.82 -18.52
N LYS A 524 32.07 9.75 -19.29
CA LYS A 524 32.47 9.97 -20.67
C LYS A 524 32.46 11.45 -20.98
N GLY A 525 33.51 11.94 -21.61
CA GLY A 525 33.60 13.34 -21.94
C GLY A 525 32.66 13.74 -23.06
N GLY A 526 32.32 15.03 -23.08
CA GLY A 526 31.42 15.57 -24.07
C GLY A 526 30.46 16.59 -23.50
N ASP A 527 30.38 17.76 -24.15
CA ASP A 527 29.48 18.82 -23.70
C ASP A 527 28.35 19.10 -24.67
N ASP A 528 28.47 18.62 -25.92
CA ASP A 528 27.44 18.81 -26.95
C ASP A 528 26.13 18.17 -26.55
N VAL A 529 26.11 16.83 -26.53
CA VAL A 529 24.97 16.05 -26.05
C VAL A 529 25.45 15.20 -24.89
N VAL A 530 24.68 15.20 -23.80
CA VAL A 530 25.05 14.49 -22.58
C VAL A 530 23.92 13.57 -22.18
N ILE A 531 24.26 12.30 -21.93
CA ILE A 531 23.30 11.30 -21.48
C ILE A 531 23.39 11.18 -19.96
N LEU A 532 22.26 11.28 -19.28
CA LEU A 532 22.16 11.08 -17.84
C LEU A 532 21.43 9.78 -17.57
N ALA A 533 22.11 8.84 -16.90
CA ALA A 533 21.50 7.54 -16.65
C ALA A 533 22.18 6.89 -15.46
N GLY A 534 21.44 6.00 -14.80
CA GLY A 534 22.00 5.23 -13.70
C GLY A 534 21.63 3.76 -13.83
N GLY A 535 22.39 2.92 -13.14
CA GLY A 535 22.05 1.50 -13.06
C GLY A 535 21.99 0.86 -14.42
N LYS A 536 20.93 0.08 -14.65
CA LYS A 536 20.79 -0.64 -15.91
C LYS A 536 20.74 0.32 -17.10
N ALA A 537 20.08 1.46 -16.92
CA ALA A 537 20.03 2.45 -18.00
C ALA A 537 21.41 2.99 -18.33
N LEU A 538 22.30 3.07 -17.33
CA LEU A 538 23.65 3.56 -17.57
C LEU A 538 24.45 2.60 -18.44
N ASP A 539 24.25 1.29 -18.24
CA ASP A 539 24.95 0.31 -19.08
C ASP A 539 24.56 0.49 -20.55
N TYR A 540 23.27 0.73 -20.80
CA TYR A 540 22.82 1.02 -22.16
C TYR A 540 23.46 2.29 -22.69
N ALA A 541 23.56 3.33 -21.85
CA ALA A 541 24.10 4.60 -22.30
C ALA A 541 25.58 4.49 -22.66
N LEU A 542 26.36 3.83 -21.81
CA LEU A 542 27.78 3.67 -22.08
C LEU A 542 28.01 2.84 -23.33
N LYS A 543 27.21 1.79 -23.51
CA LYS A 543 27.31 0.98 -24.72
C LYS A 543 26.93 1.78 -25.95
N ALA A 544 25.93 2.66 -25.83
CA ALA A 544 25.50 3.46 -26.97
C ALA A 544 26.57 4.46 -27.40
N ALA A 545 27.22 5.11 -26.44
CA ALA A 545 28.22 6.12 -26.74
C ALA A 545 29.63 5.54 -26.87
N GLU A 546 29.76 4.21 -26.96
CA GLU A 546 31.06 3.56 -26.87
C GLU A 546 32.02 4.07 -27.94
N ASP A 547 31.52 4.35 -29.14
CA ASP A 547 32.35 4.80 -30.25
C ASP A 547 32.02 6.22 -30.68
N LEU A 548 31.41 7.01 -29.80
CA LEU A 548 30.95 8.36 -30.13
C LEU A 548 31.66 9.37 -29.24
N PRO A 549 32.86 9.83 -29.62
CA PRO A 549 33.53 10.87 -28.84
C PRO A 549 32.76 12.18 -28.92
N GLY A 550 32.74 12.91 -27.81
CA GLY A 550 31.95 14.11 -27.70
C GLY A 550 30.54 13.91 -27.19
N VAL A 551 30.08 12.66 -27.08
CA VAL A 551 28.82 12.35 -26.42
C VAL A 551 29.14 12.06 -24.96
N GLY A 552 28.76 12.98 -24.08
CA GLY A 552 29.01 12.78 -22.67
C GLY A 552 28.05 11.78 -22.05
N VAL A 553 28.55 11.07 -21.05
CA VAL A 553 27.74 10.15 -20.27
C VAL A 553 28.02 10.42 -18.81
N VAL A 554 26.96 10.69 -18.05
CA VAL A 554 27.04 10.96 -16.62
C VAL A 554 26.35 9.84 -15.87
N ASN A 555 27.05 9.25 -14.90
CA ASN A 555 26.44 8.29 -14.00
C ASN A 555 25.53 9.03 -13.02
N ALA A 556 24.25 9.15 -13.37
CA ALA A 556 23.25 9.77 -12.50
C ALA A 556 22.79 8.72 -11.48
N ARG A 557 23.69 8.41 -10.57
CA ARG A 557 23.49 7.35 -9.58
C ARG A 557 22.61 7.78 -8.43
N PHE A 558 22.15 9.03 -8.39
CA PHE A 558 21.24 9.49 -7.34
C PHE A 558 20.06 10.19 -7.99
N VAL A 559 18.86 9.68 -7.70
CA VAL A 559 17.63 10.29 -8.17
C VAL A 559 17.05 11.25 -7.14
N LYS A 560 17.33 11.02 -5.85
CA LYS A 560 16.94 11.96 -4.82
C LYS A 560 18.05 12.03 -3.76
N PRO A 561 18.71 13.18 -3.60
CA PRO A 561 18.54 14.35 -4.45
C PRO A 561 19.25 14.15 -5.78
N LEU A 562 18.91 14.96 -6.78
CA LEU A 562 19.74 15.06 -7.97
C LEU A 562 21.04 15.78 -7.62
N ASP A 563 22.05 15.60 -8.47
CA ASP A 563 23.25 16.42 -8.36
C ASP A 563 22.93 17.77 -8.98
N GLU A 564 22.38 18.67 -8.16
CA GLU A 564 21.95 19.98 -8.64
C GLU A 564 23.11 20.75 -9.26
N GLU A 565 24.29 20.67 -8.65
CA GLU A 565 25.43 21.44 -9.15
C GLU A 565 25.85 20.97 -10.54
N MET A 566 25.96 19.65 -10.73
CA MET A 566 26.37 19.14 -12.03
C MET A 566 25.28 19.33 -13.07
N LEU A 567 24.01 19.19 -12.67
CA LEU A 567 22.91 19.38 -13.63
C LEU A 567 22.85 20.82 -14.11
N ARG A 568 23.07 21.79 -13.21
CA ARG A 568 23.07 23.18 -13.63
C ARG A 568 24.17 23.45 -14.64
N GLU A 569 25.37 22.92 -14.40
CA GLU A 569 26.48 23.13 -15.33
C GLU A 569 26.22 22.44 -16.67
N VAL A 570 25.84 21.16 -16.62
CA VAL A 570 25.63 20.40 -17.85
C VAL A 570 24.40 20.90 -18.61
N GLY A 571 23.34 21.24 -17.88
CA GLY A 571 22.13 21.75 -18.52
C GLY A 571 22.32 23.11 -19.15
N GLY A 572 23.25 23.92 -18.64
CA GLY A 572 23.47 25.25 -19.17
C GLY A 572 24.43 25.26 -20.34
N ARG A 573 25.24 24.21 -20.47
CA ARG A 573 26.27 24.16 -21.50
C ARG A 573 25.91 23.25 -22.67
N ALA A 574 25.07 22.24 -22.45
CA ALA A 574 24.71 21.30 -23.50
C ALA A 574 23.55 21.83 -24.33
N ARG A 575 23.58 21.54 -25.63
CA ARG A 575 22.43 21.87 -26.46
C ARG A 575 21.30 20.86 -26.28
N ALA A 576 21.63 19.62 -25.90
CA ALA A 576 20.60 18.60 -25.69
C ALA A 576 21.05 17.61 -24.62
N LEU A 577 20.07 17.17 -23.82
CA LEU A 577 20.27 16.13 -22.81
C LEU A 577 19.40 14.92 -23.15
N ILE A 578 19.90 13.74 -22.76
CA ILE A 578 19.11 12.51 -22.80
C ILE A 578 19.07 11.95 -21.39
N THR A 579 17.88 11.72 -20.87
CA THR A 579 17.72 10.97 -19.63
C THR A 579 17.20 9.57 -19.97
N VAL A 580 17.76 8.57 -19.29
CA VAL A 580 17.38 7.17 -19.50
C VAL A 580 17.11 6.55 -18.14
N GLU A 581 16.01 5.82 -18.02
CA GLU A 581 15.66 5.20 -16.75
C GLU A 581 14.91 3.90 -17.01
N ASP A 582 15.19 2.89 -16.18
CA ASP A 582 14.44 1.64 -16.16
C ASP A 582 13.27 1.80 -15.19
N ASN A 583 12.34 2.65 -15.61
CA ASN A 583 11.24 3.16 -14.79
C ASN A 583 10.28 3.85 -15.73
N THR A 584 9.03 4.01 -15.29
CA THR A 584 8.07 4.74 -16.11
C THR A 584 8.56 6.17 -16.33
N VAL A 585 8.27 6.71 -17.51
CA VAL A 585 8.59 8.10 -17.81
C VAL A 585 7.73 9.07 -17.01
N VAL A 586 6.67 8.59 -16.37
CA VAL A 586 5.73 9.45 -15.66
C VAL A 586 6.26 9.69 -14.26
N GLY A 587 6.71 10.92 -13.99
CA GLY A 587 7.11 11.32 -12.66
C GLY A 587 8.38 10.69 -12.13
N GLY A 588 9.18 10.06 -12.99
CA GLY A 588 10.39 9.39 -12.55
C GLY A 588 11.63 10.26 -12.64
N PHE A 589 12.74 9.66 -13.09
CA PHE A 589 14.00 10.38 -13.15
C PHE A 589 13.97 11.50 -14.18
N GLY A 590 13.46 11.21 -15.37
CA GLY A 590 13.33 12.26 -16.38
C GLY A 590 12.48 13.42 -15.89
N GLY A 591 11.36 13.12 -15.24
CA GLY A 591 10.53 14.18 -14.68
C GLY A 591 11.27 14.97 -13.61
N ALA A 592 12.07 14.29 -12.79
CA ALA A 592 12.87 14.98 -11.79
C ALA A 592 13.85 15.96 -12.45
N VAL A 593 14.47 15.55 -13.56
CA VAL A 593 15.41 16.42 -14.25
C VAL A 593 14.69 17.63 -14.84
N LEU A 594 13.51 17.40 -15.44
CA LEU A 594 12.75 18.51 -16.01
C LEU A 594 12.30 19.49 -14.92
N GLU A 595 11.89 18.97 -13.76
CA GLU A 595 11.51 19.84 -12.66
C GLU A 595 12.70 20.67 -12.17
N ALA A 596 13.87 20.04 -12.06
CA ALA A 596 15.06 20.76 -11.60
C ALA A 596 15.53 21.77 -12.64
N LEU A 597 15.53 21.39 -13.92
CA LEU A 597 15.92 22.33 -14.97
C LEU A 597 14.98 23.52 -15.00
N ASN A 598 13.68 23.30 -14.79
CA ASN A 598 12.74 24.41 -14.80
C ASN A 598 12.99 25.36 -13.63
N SER A 599 13.31 24.82 -12.45
CA SER A 599 13.59 25.66 -11.30
C SER A 599 14.84 26.51 -11.52
N MET A 600 15.76 26.03 -12.35
CA MET A 600 16.95 26.79 -12.70
C MET A 600 16.77 27.66 -13.93
N ASN A 601 15.56 27.66 -14.52
CA ASN A 601 15.26 28.41 -15.74
C ASN A 601 16.21 28.05 -16.88
N LEU A 602 16.58 26.78 -16.95
CA LEU A 602 17.36 26.26 -18.06
C LEU A 602 16.43 25.49 -18.99
N HIS A 603 16.58 25.72 -20.30
CA HIS A 603 15.69 25.13 -21.30
C HIS A 603 16.48 24.46 -22.42
N PRO A 604 17.29 23.46 -22.11
CA PRO A 604 17.93 22.68 -23.17
C PRO A 604 16.94 21.68 -23.74
N THR A 605 17.25 21.20 -24.94
CA THR A 605 16.49 20.08 -25.49
C THR A 605 16.72 18.86 -24.62
N VAL A 606 15.64 18.18 -24.24
CA VAL A 606 15.72 17.01 -23.37
C VAL A 606 14.86 15.90 -23.99
N ARG A 607 15.47 14.75 -24.19
CA ARG A 607 14.76 13.54 -24.62
CA ARG A 607 14.76 13.54 -24.62
C ARG A 607 14.67 12.61 -23.42
N VAL A 608 13.47 12.41 -22.91
CA VAL A 608 13.24 11.55 -21.75
C VAL A 608 12.94 10.15 -22.26
N LEU A 609 13.81 9.20 -21.93
CA LEU A 609 13.66 7.81 -22.35
C LEU A 609 13.37 6.95 -21.12
N GLY A 610 12.38 6.08 -21.25
CA GLY A 610 11.99 5.23 -20.15
C GLY A 610 10.85 4.33 -20.57
N ILE A 611 10.23 3.70 -19.58
CA ILE A 611 9.10 2.81 -19.87
C ILE A 611 7.86 3.68 -20.13
N PRO A 612 7.12 3.44 -21.22
CA PRO A 612 5.92 4.24 -21.47
C PRO A 612 4.85 4.02 -20.40
N ASP A 613 3.88 4.93 -20.38
CA ASP A 613 2.78 4.89 -19.41
C ASP A 613 1.80 3.77 -19.77
N GLU A 614 2.30 2.54 -19.85
CA GLU A 614 1.51 1.38 -20.22
C GLU A 614 2.14 0.18 -19.52
N PHE A 615 1.31 -0.72 -19.00
CA PHE A 615 1.83 -1.93 -18.41
C PHE A 615 2.52 -2.77 -19.48
N GLN A 616 3.61 -3.43 -19.10
CA GLN A 616 4.42 -4.20 -20.01
C GLN A 616 4.16 -5.68 -19.80
N GLU A 617 3.66 -6.36 -20.85
CA GLU A 617 3.38 -7.78 -20.79
C GLU A 617 4.66 -8.59 -20.68
N HIS A 618 4.51 -9.85 -20.32
CA HIS A 618 5.65 -10.75 -20.19
C HIS A 618 6.43 -10.87 -21.50
N ALA A 619 7.75 -10.75 -21.39
CA ALA A 619 8.71 -10.86 -22.49
C ALA A 619 10.08 -10.83 -21.82
N THR A 620 11.15 -10.91 -22.61
CA THR A 620 12.45 -10.65 -22.00
C THR A 620 12.59 -9.16 -21.70
N ALA A 621 13.40 -8.85 -20.70
CA ALA A 621 13.68 -7.44 -20.41
C ALA A 621 14.30 -6.76 -21.62
N GLU A 622 15.14 -7.49 -22.37
CA GLU A 622 15.75 -6.91 -23.56
C GLU A 622 14.70 -6.55 -24.60
N SER A 623 13.69 -7.41 -24.78
CA SER A 623 12.62 -7.10 -25.74
C SER A 623 11.81 -5.89 -25.28
N VAL A 624 11.43 -5.86 -23.99
CA VAL A 624 10.70 -4.71 -23.46
C VAL A 624 11.51 -3.44 -23.62
N HIS A 625 12.80 -3.49 -23.28
CA HIS A 625 13.63 -2.30 -23.36
C HIS A 625 13.86 -1.87 -24.80
N ALA A 626 13.95 -2.84 -25.72
CA ALA A 626 14.10 -2.50 -27.13
C ALA A 626 12.87 -1.74 -27.62
N ARG A 627 11.67 -2.22 -27.27
CA ARG A 627 10.44 -1.58 -27.72
C ARG A 627 10.12 -0.32 -26.92
N ALA A 628 10.55 -0.24 -25.65
CA ALA A 628 10.38 0.99 -24.90
C ALA A 628 11.31 2.08 -25.40
N GLY A 629 12.44 1.71 -26.00
CA GLY A 629 13.35 2.68 -26.56
C GLY A 629 14.45 3.14 -25.63
N ILE A 630 14.92 2.29 -24.73
CA ILE A 630 16.00 2.65 -23.80
C ILE A 630 17.25 1.81 -23.98
N ASP A 631 17.24 0.82 -24.87
CA ASP A 631 18.46 0.04 -25.04
C ASP A 631 19.46 0.81 -25.92
N ALA A 632 20.66 0.25 -26.05
CA ALA A 632 21.74 0.96 -26.75
C ALA A 632 21.38 1.33 -28.18
N PRO A 633 20.80 0.44 -29.00
CA PRO A 633 20.42 0.89 -30.37
C PRO A 633 19.40 2.01 -30.37
N ALA A 634 18.44 1.98 -29.45
CA ALA A 634 17.43 3.05 -29.40
C ALA A 634 18.05 4.38 -28.99
N ILE A 635 19.01 4.34 -28.06
CA ILE A 635 19.70 5.58 -27.67
C ILE A 635 20.48 6.15 -28.85
N ARG A 636 21.14 5.29 -29.61
CA ARG A 636 21.90 5.76 -30.77
C ARG A 636 20.98 6.41 -31.81
N THR A 637 19.75 5.89 -31.95
CA THR A 637 18.78 6.52 -32.83
C THR A 637 18.42 7.91 -32.34
N VAL A 638 18.19 8.07 -31.03
CA VAL A 638 17.88 9.38 -30.48
C VAL A 638 19.06 10.33 -30.66
N LEU A 639 20.28 9.85 -30.42
CA LEU A 639 21.46 10.70 -30.62
C LEU A 639 21.54 11.20 -32.06
N ALA A 640 21.23 10.34 -33.03
CA ALA A 640 21.25 10.77 -34.42
C ALA A 640 20.16 11.81 -34.70
N GLU A 641 18.99 11.64 -34.07
CA GLU A 641 17.93 12.63 -34.21
C GLU A 641 18.35 13.99 -33.64
N LEU A 642 19.19 13.98 -32.60
CA LEU A 642 19.69 15.20 -32.00
C LEU A 642 20.89 15.79 -32.75
N GLY A 643 21.26 15.22 -33.89
CA GLY A 643 22.34 15.77 -34.69
C GLY A 643 23.71 15.19 -34.43
N VAL A 644 23.82 14.14 -33.63
CA VAL A 644 25.11 13.50 -33.40
C VAL A 644 25.51 12.71 -34.64
N ASP A 645 26.79 12.77 -35.00
CA ASP A 645 27.31 12.03 -36.15
C ASP A 645 27.46 10.56 -35.73
N VAL A 646 26.38 9.81 -35.87
CA VAL A 646 26.34 8.40 -35.52
C VAL A 646 26.63 7.59 -36.78
N PRO A 647 27.60 6.67 -36.75
CA PRO A 647 27.91 5.90 -37.96
C PRO A 647 26.69 5.14 -38.46
N ILE A 648 26.51 5.16 -39.77
CA ILE A 648 25.37 4.51 -40.40
C ILE A 648 25.70 3.05 -40.69
N GLU A 649 24.65 2.25 -40.88
CA GLU A 649 24.78 0.84 -41.23
C GLU A 649 24.11 0.64 -42.58
N VAL A 650 24.91 0.37 -43.61
CA VAL A 650 24.39 0.25 -44.96
C VAL A 650 25.23 -0.75 -45.76
N SER B 29 -9.34 25.65 43.30
CA SER B 29 -9.12 24.87 42.07
C SER B 29 -9.98 23.62 42.03
N ASP B 30 -10.49 23.29 40.85
CA ASP B 30 -11.31 22.10 40.65
C ASP B 30 -10.48 20.83 40.54
N THR B 31 -9.17 20.93 40.34
CA THR B 31 -8.31 19.79 40.05
C THR B 31 -7.13 19.76 41.01
N PRO B 32 -7.38 19.53 42.30
CA PRO B 32 -6.26 19.54 43.26
C PRO B 32 -5.21 18.48 42.98
N LEU B 33 -5.62 17.30 42.52
CA LEU B 33 -4.65 16.24 42.26
C LEU B 33 -3.84 16.55 41.00
N LEU B 34 -4.52 16.95 39.92
CA LEU B 34 -3.85 17.23 38.65
C LEU B 34 -2.91 18.42 38.76
N ASP B 35 -3.19 19.36 39.68
CA ASP B 35 -2.31 20.51 39.86
C ASP B 35 -0.91 20.11 40.33
N GLN B 36 -0.77 18.96 40.95
CA GLN B 36 0.51 18.50 41.48
C GLN B 36 1.19 17.47 40.60
N ILE B 37 0.62 17.17 39.43
CA ILE B 37 1.12 16.13 38.55
C ILE B 37 1.71 16.79 37.31
N HIS B 38 3.02 16.75 37.18
CA HIS B 38 3.72 17.26 35.99
C HIS B 38 4.36 16.13 35.18
N GLY B 39 4.20 14.89 35.61
CA GLY B 39 4.74 13.76 34.89
C GLY B 39 4.36 12.45 35.57
N PRO B 40 4.69 11.32 34.93
CA PRO B 40 4.34 10.03 35.53
C PRO B 40 4.94 9.79 36.91
N LYS B 41 6.06 10.44 37.23
CA LYS B 41 6.63 10.30 38.58
C LYS B 41 5.71 10.93 39.62
N ASP B 42 5.19 12.13 39.34
CA ASP B 42 4.25 12.75 40.26
C ASP B 42 2.98 11.90 40.40
N LEU B 43 2.54 11.29 39.31
CA LEU B 43 1.34 10.44 39.35
C LEU B 43 1.53 9.27 40.32
N LYS B 44 2.72 8.67 40.32
CA LYS B 44 2.96 7.51 41.16
C LYS B 44 2.96 7.83 42.65
N ARG B 45 3.04 9.12 43.01
CA ARG B 45 2.96 9.48 44.43
C ARG B 45 1.54 9.37 44.98
N LEU B 46 0.54 9.29 44.10
CA LEU B 46 -0.83 9.08 44.57
C LEU B 46 -1.03 7.63 45.02
N SER B 47 -1.94 7.45 45.97
CA SER B 47 -2.35 6.11 46.34
C SER B 47 -3.35 5.57 45.32
N ARG B 48 -3.48 4.24 45.30
CA ARG B 48 -4.40 3.61 44.35
C ARG B 48 -5.83 4.05 44.61
N GLU B 49 -6.17 4.40 45.85
CA GLU B 49 -7.52 4.84 46.16
C GLU B 49 -7.80 6.26 45.68
N GLN B 50 -6.76 7.03 45.35
CA GLN B 50 -6.92 8.36 44.80
C GLN B 50 -7.07 8.35 43.28
N LEU B 51 -6.79 7.23 42.62
CA LEU B 51 -6.87 7.20 41.16
C LEU B 51 -8.27 7.44 40.61
N PRO B 52 -9.36 6.90 41.21
CA PRO B 52 -10.70 7.25 40.71
C PRO B 52 -10.97 8.75 40.70
N ALA B 53 -10.58 9.46 41.75
CA ALA B 53 -10.77 10.91 41.78
C ALA B 53 -9.94 11.60 40.71
N LEU B 54 -8.74 11.07 40.42
CA LEU B 54 -7.92 11.68 39.38
C LEU B 54 -8.55 11.54 38.00
N THR B 55 -9.11 10.36 37.69
CA THR B 55 -9.73 10.18 36.38
C THR B 55 -10.91 11.13 36.20
N GLU B 56 -11.62 11.46 37.28
CA GLU B 56 -12.70 12.44 37.18
C GLU B 56 -12.17 13.83 36.88
N GLU B 57 -11.05 14.21 37.50
CA GLU B 57 -10.40 15.47 37.15
C GLU B 57 -9.96 15.48 35.70
N LEU B 58 -9.39 14.37 35.24
CA LEU B 58 -8.93 14.29 33.85
C LEU B 58 -10.08 14.42 32.88
N ARG B 59 -11.23 13.79 33.18
CA ARG B 59 -12.37 13.89 32.29
C ARG B 59 -12.90 15.32 32.21
N GLY B 60 -13.01 15.99 33.37
CA GLY B 60 -13.42 17.39 33.37
C GLY B 60 -12.46 18.28 32.60
N GLU B 61 -11.15 17.99 32.73
CA GLU B 61 -10.15 18.76 31.99
C GLU B 61 -10.29 18.55 30.48
N ILE B 62 -10.50 17.30 30.06
CA ILE B 62 -10.64 17.01 28.64
C ILE B 62 -11.91 17.64 28.08
N VAL B 63 -12.97 17.69 28.88
CA VAL B 63 -14.22 18.32 28.42
C VAL B 63 -13.99 19.82 28.19
N ARG B 64 -13.31 20.48 29.12
CA ARG B 64 -13.04 21.91 28.96
C ARG B 64 -12.12 22.19 27.78
N VAL B 65 -11.10 21.35 27.58
CA VAL B 65 -10.19 21.53 26.45
C VAL B 65 -10.95 21.44 25.13
N CYS B 66 -11.87 20.49 25.02
CA CYS B 66 -12.58 20.24 23.78
C CYS B 66 -13.78 21.16 23.57
N SER B 67 -14.15 21.96 24.58
CA SER B 67 -15.37 22.77 24.47
C SER B 67 -15.26 23.82 23.37
N ARG B 68 -14.05 24.19 22.95
CA ARG B 68 -13.90 25.14 21.85
C ARG B 68 -14.17 24.51 20.49
N GLY B 69 -14.25 23.19 20.41
CA GLY B 69 -14.64 22.55 19.17
C GLY B 69 -13.45 22.04 18.38
N GLY B 70 -13.69 21.00 17.57
CA GLY B 70 -12.70 20.49 16.64
C GLY B 70 -11.72 19.49 17.19
N LEU B 71 -11.99 18.91 18.36
CA LEU B 71 -11.05 18.00 19.01
C LEU B 71 -11.70 16.63 19.23
N HIS B 72 -10.86 15.64 19.54
CA HIS B 72 -11.29 14.25 19.69
C HIS B 72 -11.77 14.01 21.11
N LEU B 73 -13.00 14.47 21.38
CA LEU B 73 -13.52 14.44 22.75
C LEU B 73 -13.87 13.03 23.20
N ALA B 74 -14.73 12.33 22.44
CA ALA B 74 -15.31 11.09 22.95
C ALA B 74 -14.27 9.98 23.06
N SER B 75 -13.33 9.91 22.12
CA SER B 75 -12.31 8.87 22.18
C SER B 75 -11.37 9.07 23.36
N SER B 76 -10.95 10.31 23.61
CA SER B 76 -10.06 10.57 24.73
C SER B 76 -10.75 10.38 26.07
N LEU B 77 -12.06 10.68 26.15
CA LEU B 77 -12.79 10.41 27.38
C LEU B 77 -12.85 8.92 27.68
N GLY B 78 -13.04 8.10 26.64
CA GLY B 78 -13.15 6.67 26.85
C GLY B 78 -11.87 6.01 27.34
N ALA B 79 -10.71 6.61 27.01
CA ALA B 79 -9.41 6.02 27.33
C ALA B 79 -8.77 6.59 28.59
N VAL B 80 -9.49 7.42 29.36
CA VAL B 80 -8.90 8.08 30.52
C VAL B 80 -8.38 7.06 31.53
N ASP B 81 -9.17 6.02 31.81
CA ASP B 81 -8.85 5.12 32.91
C ASP B 81 -7.67 4.21 32.56
N ILE B 82 -7.64 3.68 31.34
CA ILE B 82 -6.54 2.81 30.96
C ILE B 82 -5.24 3.59 30.85
N ILE B 83 -5.30 4.85 30.41
CA ILE B 83 -4.10 5.66 30.32
C ILE B 83 -3.55 5.96 31.71
N THR B 84 -4.44 6.31 32.65
CA THR B 84 -4.02 6.56 34.02
C THR B 84 -3.39 5.32 34.64
N ALA B 85 -4.02 4.16 34.43
CA ALA B 85 -3.47 2.92 34.98
C ALA B 85 -2.12 2.58 34.35
N LEU B 86 -1.99 2.78 33.04
CA LEU B 86 -0.73 2.46 32.36
C LEU B 86 0.42 3.31 32.88
N HIS B 87 0.19 4.62 33.02
CA HIS B 87 1.25 5.49 33.52
C HIS B 87 1.51 5.28 35.01
N TYR B 88 0.52 4.78 35.76
CA TYR B 88 0.74 4.48 37.17
C TYR B 88 1.61 3.24 37.34
N VAL B 89 1.43 2.25 36.47
CA VAL B 89 2.15 0.99 36.57
C VAL B 89 3.48 1.03 35.83
N LEU B 90 3.49 1.56 34.60
CA LEU B 90 4.70 1.58 33.80
C LEU B 90 5.53 2.84 34.10
N ASP B 91 6.74 2.84 33.57
CA ASP B 91 7.75 3.87 33.88
C ASP B 91 8.17 4.56 32.59
N SER B 92 7.26 5.32 31.99
CA SER B 92 7.61 6.12 30.83
C SER B 92 8.52 7.27 31.25
N PRO B 93 9.51 7.65 30.42
CA PRO B 93 9.81 7.21 29.05
C PRO B 93 10.72 5.99 28.95
N ARG B 94 11.15 5.42 30.08
CA ARG B 94 11.95 4.20 30.00
C ARG B 94 11.14 3.06 29.38
N ASP B 95 9.93 2.85 29.86
CA ASP B 95 8.97 1.99 29.16
C ASP B 95 8.32 2.79 28.04
N ARG B 96 7.92 2.08 26.97
CA ARG B 96 7.33 2.71 25.79
C ARG B 96 5.85 2.35 25.72
N ILE B 97 5.01 3.38 25.72
CA ILE B 97 3.56 3.23 25.60
C ILE B 97 3.16 3.82 24.24
N LEU B 98 2.63 2.96 23.37
CA LEU B 98 2.31 3.33 21.99
C LEU B 98 0.80 3.43 21.85
N PHE B 99 0.33 4.51 21.22
CA PHE B 99 -1.09 4.71 20.97
C PHE B 99 -1.37 4.59 19.48
N ASP B 100 -2.36 3.76 19.15
CA ASP B 100 -2.80 3.62 17.78
C ASP B 100 -3.69 4.80 17.41
N VAL B 101 -3.37 5.46 16.30
CA VAL B 101 -3.98 6.72 15.84
C VAL B 101 -3.52 7.88 16.71
N GLY B 102 -3.64 7.75 18.02
CA GLY B 102 -3.23 8.79 18.94
C GLY B 102 -4.29 9.80 19.29
N HIS B 103 -5.47 9.72 18.68
CA HIS B 103 -6.55 10.65 18.97
C HIS B 103 -7.16 10.42 20.35
N GLN B 104 -6.94 9.27 20.97
CA GLN B 104 -7.51 8.96 22.27
C GLN B 104 -6.57 9.29 23.42
N ALA B 105 -5.48 10.01 23.15
CA ALA B 105 -4.38 10.15 24.10
C ALA B 105 -4.30 11.53 24.73
N TYR B 106 -5.44 12.24 24.86
CA TYR B 106 -5.40 13.55 25.50
C TYR B 106 -4.99 13.44 26.97
N ALA B 107 -5.53 12.44 27.68
CA ALA B 107 -5.12 12.25 29.07
C ALA B 107 -3.64 11.90 29.18
N HIS B 108 -3.10 11.21 28.17
CA HIS B 108 -1.67 10.90 28.14
C HIS B 108 -0.84 12.16 28.07
N LYS B 109 -1.22 13.10 27.21
CA LYS B 109 -0.48 14.36 27.10
C LYS B 109 -0.64 15.21 28.35
N ILE B 110 -1.83 15.19 28.97
CA ILE B 110 -2.03 15.95 30.19
C ILE B 110 -1.16 15.41 31.32
N LEU B 111 -0.92 14.10 31.36
CA LEU B 111 -0.13 13.47 32.40
C LEU B 111 1.36 13.46 32.11
N THR B 112 1.79 13.94 30.95
CA THR B 112 3.20 13.93 30.57
C THR B 112 3.70 15.34 30.28
N GLY B 113 3.30 16.30 31.12
CA GLY B 113 3.87 17.64 31.12
C GLY B 113 3.30 18.60 30.10
N ARG B 114 2.19 18.28 29.45
CA ARG B 114 1.62 19.14 28.41
C ARG B 114 0.21 19.61 28.75
N ARG B 115 -0.13 19.66 30.03
CA ARG B 115 -1.48 20.08 30.41
C ARG B 115 -1.76 21.50 29.95
N ASP B 116 -0.82 22.42 30.20
CA ASP B 116 -1.02 23.81 29.81
C ASP B 116 -1.05 23.97 28.30
N GLN B 117 -0.33 23.13 27.56
CA GLN B 117 -0.32 23.24 26.11
C GLN B 117 -1.60 22.72 25.46
N MET B 118 -2.48 22.05 26.22
CA MET B 118 -3.73 21.55 25.64
C MET B 118 -4.61 22.67 25.11
N ALA B 119 -4.45 23.89 25.61
CA ALA B 119 -5.28 24.99 25.15
C ALA B 119 -5.04 25.31 23.68
N ASP B 120 -3.83 25.05 23.17
CA ASP B 120 -3.49 25.36 21.79
C ASP B 120 -3.28 24.12 20.94
N ILE B 121 -3.82 22.97 21.37
CA ILE B 121 -3.60 21.74 20.64
C ILE B 121 -4.21 21.86 19.23
N LYS B 122 -3.49 21.36 18.24
CA LYS B 122 -3.79 21.41 16.81
C LYS B 122 -3.70 22.82 16.23
N LYS B 123 -3.44 23.84 17.04
CA LYS B 123 -3.19 25.17 16.51
C LYS B 123 -1.76 25.28 16.01
N GLU B 124 -1.55 26.14 15.01
CA GLU B 124 -0.21 26.36 14.47
C GLU B 124 0.74 26.80 15.57
N GLY B 125 1.85 26.08 15.71
CA GLY B 125 2.80 26.33 16.77
C GLY B 125 2.52 25.63 18.08
N GLY B 126 1.34 25.05 18.25
CA GLY B 126 1.02 24.29 19.43
C GLY B 126 1.36 22.82 19.25
N ILE B 127 0.97 22.02 20.27
CA ILE B 127 1.22 20.59 20.20
C ILE B 127 0.26 19.94 19.21
N SER B 128 0.64 18.74 18.75
CA SER B 128 -0.16 18.01 17.78
C SER B 128 -1.37 17.37 18.45
N GLY B 129 -2.40 17.14 17.64
CA GLY B 129 -3.58 16.42 18.10
C GLY B 129 -3.37 14.94 18.31
N PHE B 130 -2.25 14.41 17.84
CA PHE B 130 -1.87 13.01 18.01
C PHE B 130 -0.50 12.95 18.70
N THR B 131 -0.10 11.76 19.13
CA THR B 131 1.23 11.63 19.71
C THR B 131 2.28 11.79 18.62
N LYS B 132 3.40 12.40 18.98
CA LYS B 132 4.43 12.76 18.00
C LYS B 132 5.80 12.65 18.66
N VAL B 133 6.68 11.83 18.06
CA VAL B 133 7.97 11.54 18.67
C VAL B 133 8.76 12.81 18.94
N SER B 134 8.76 13.76 18.00
CA SER B 134 9.54 14.98 18.18
C SER B 134 8.95 15.90 19.25
N GLU B 135 7.74 15.65 19.70
CA GLU B 135 7.07 16.52 20.66
C GLU B 135 7.39 16.16 22.10
N SER B 136 7.60 14.87 22.40
CA SER B 136 7.80 14.46 23.78
C SER B 136 8.51 13.12 23.80
N GLU B 137 9.42 12.95 24.77
CA GLU B 137 10.02 11.63 25.00
C GLU B 137 8.97 10.59 25.40
N HIS B 138 7.80 11.03 25.86
CA HIS B 138 6.73 10.10 26.24
C HIS B 138 5.90 9.63 25.05
N ASP B 139 6.06 10.22 23.88
CA ASP B 139 5.33 9.82 22.68
C ASP B 139 6.19 8.83 21.90
N ALA B 140 5.84 7.55 21.98
CA ALA B 140 6.70 6.52 21.41
C ALA B 140 6.64 6.49 19.88
N ILE B 141 5.49 6.79 19.30
CA ILE B 141 5.33 6.79 17.85
C ILE B 141 4.54 8.01 17.40
N THR B 142 4.80 8.43 16.16
CA THR B 142 4.04 9.49 15.50
C THR B 142 2.94 8.83 14.69
N VAL B 143 1.69 9.16 15.01
CA VAL B 143 0.53 8.44 14.47
C VAL B 143 -0.51 9.44 13.99
N GLY B 144 -1.47 8.90 13.25
CA GLY B 144 -2.56 9.64 12.64
C GLY B 144 -3.33 8.65 11.79
N HIS B 145 -2.61 7.97 10.91
CA HIS B 145 -3.14 6.76 10.29
C HIS B 145 -3.25 5.66 11.33
N ALA B 146 -4.28 4.83 11.17
CA ALA B 146 -4.60 3.78 12.11
C ALA B 146 -3.83 2.50 11.83
N SER B 147 -3.71 1.67 12.86
CA SER B 147 -3.26 0.27 12.82
C SER B 147 -1.74 0.11 12.77
N THR B 148 -0.95 1.15 13.01
CA THR B 148 0.49 1.05 12.96
C THR B 148 1.13 0.66 14.30
N SER B 149 0.35 0.64 15.38
CA SER B 149 0.93 0.47 16.71
C SER B 149 1.54 -0.92 16.90
N LEU B 150 0.92 -1.96 16.32
CA LEU B 150 1.38 -3.32 16.61
C LEU B 150 2.70 -3.61 15.92
N ALA B 151 2.84 -3.24 14.65
CA ALA B 151 4.13 -3.43 13.97
C ALA B 151 5.22 -2.57 14.60
N ASN B 152 4.90 -1.31 14.95
CA ASN B 152 5.87 -0.48 15.66
C ASN B 152 6.29 -1.12 16.98
N ALA B 153 5.33 -1.64 17.74
CA ALA B 153 5.66 -2.26 19.02
C ALA B 153 6.54 -3.49 18.84
N LEU B 154 6.26 -4.30 17.81
CA LEU B 154 7.10 -5.45 17.51
C LEU B 154 8.53 -5.03 17.22
N GLY B 155 8.70 -3.97 16.42
CA GLY B 155 10.05 -3.51 16.11
C GLY B 155 10.79 -3.03 17.34
N MET B 156 10.09 -2.32 18.23
CA MET B 156 10.74 -1.85 19.45
C MET B 156 11.11 -3.02 20.36
N ALA B 157 10.26 -4.04 20.43
CA ALA B 157 10.55 -5.19 21.27
C ALA B 157 11.72 -6.00 20.71
N LEU B 158 11.77 -6.17 19.39
CA LEU B 158 12.89 -6.87 18.78
C LEU B 158 14.19 -6.09 18.97
N ALA B 159 14.12 -4.76 18.84
CA ALA B 159 15.28 -3.92 19.07
C ALA B 159 15.76 -3.99 20.51
N ARG B 160 14.82 -3.96 21.46
CA ARG B 160 15.16 -4.12 22.87
C ARG B 160 15.88 -5.43 23.12
N ASP B 161 15.34 -6.53 22.58
CA ASP B 161 15.94 -7.84 22.81
C ASP B 161 17.30 -7.96 22.13
N ALA B 162 17.45 -7.38 20.94
CA ALA B 162 18.73 -7.42 20.25
C ALA B 162 19.81 -6.66 21.02
N GLN B 163 19.42 -5.61 21.74
CA GLN B 163 20.36 -4.80 22.51
C GLN B 163 20.52 -5.30 23.94
N GLY B 164 19.77 -6.32 24.34
CA GLY B 164 19.88 -6.84 25.69
C GLY B 164 19.21 -6.01 26.77
N LYS B 165 18.23 -5.19 26.41
CA LYS B 165 17.54 -4.35 27.36
C LYS B 165 16.28 -5.03 27.88
N ASP B 166 15.62 -4.40 28.86
CA ASP B 166 14.59 -5.06 29.64
C ASP B 166 13.33 -4.21 29.84
N PHE B 167 13.16 -3.13 29.06
CA PHE B 167 12.05 -2.25 29.34
C PHE B 167 10.73 -2.82 28.81
N HIS B 168 9.62 -2.27 29.30
CA HIS B 168 8.31 -2.71 28.88
C HIS B 168 7.88 -2.01 27.61
N VAL B 169 7.19 -2.75 26.73
CA VAL B 169 6.57 -2.22 25.53
C VAL B 169 5.08 -2.51 25.63
N ALA B 170 4.27 -1.46 25.56
CA ALA B 170 2.82 -1.58 25.64
C ALA B 170 2.18 -0.78 24.52
N ALA B 171 1.16 -1.34 23.88
CA ALA B 171 0.45 -0.71 22.79
C ALA B 171 -1.04 -0.64 23.11
N VAL B 172 -1.65 0.50 22.85
CA VAL B 172 -3.08 0.71 23.03
C VAL B 172 -3.71 0.80 21.64
N ILE B 173 -4.57 -0.15 21.31
CA ILE B 173 -5.19 -0.20 19.99
C ILE B 173 -6.69 -0.38 20.15
N GLY B 174 -7.46 0.43 19.41
CA GLY B 174 -8.90 0.34 19.46
C GLY B 174 -9.44 -0.80 18.62
N ASP B 175 -10.72 -1.12 18.85
CA ASP B 175 -11.35 -2.17 18.07
C ASP B 175 -11.47 -1.78 16.60
N GLY B 176 -11.61 -0.49 16.29
CA GLY B 176 -11.61 -0.07 14.90
C GLY B 176 -10.26 -0.25 14.24
N SER B 177 -9.19 0.19 14.92
CA SER B 177 -7.85 0.03 14.37
C SER B 177 -7.48 -1.44 14.19
N LEU B 178 -8.04 -2.32 15.02
CA LEU B 178 -7.76 -3.75 14.88
C LEU B 178 -8.32 -4.34 13.58
N THR B 179 -9.26 -3.67 12.92
CA THR B 179 -9.77 -4.18 11.65
C THR B 179 -8.78 -3.99 10.50
N GLY B 180 -7.73 -3.20 10.68
CA GLY B 180 -6.78 -2.99 9.61
C GLY B 180 -5.91 -4.21 9.38
N GLY B 181 -5.64 -4.49 8.11
CA GLY B 181 -4.82 -5.64 7.76
C GLY B 181 -3.43 -5.59 8.37
N MET B 182 -2.82 -4.41 8.43
CA MET B 182 -1.47 -4.34 8.97
C MET B 182 -1.45 -4.57 10.47
N ALA B 183 -2.57 -4.39 11.16
CA ALA B 183 -2.65 -4.80 12.56
C ALA B 183 -2.83 -6.31 12.68
N LEU B 184 -3.69 -6.90 11.85
CA LEU B 184 -3.92 -8.34 11.93
C LEU B 184 -2.68 -9.13 11.53
N ALA B 185 -2.01 -8.71 10.46
CA ALA B 185 -0.79 -9.41 10.07
C ALA B 185 0.33 -9.20 11.09
N ALA B 186 0.46 -8.00 11.65
CA ALA B 186 1.48 -7.77 12.67
C ALA B 186 1.25 -8.66 13.89
N LEU B 187 -0.01 -8.83 14.29
CA LEU B 187 -0.32 -9.71 15.41
C LEU B 187 0.08 -11.15 15.10
N ASN B 188 -0.08 -11.57 13.85
CA ASN B 188 0.36 -12.90 13.43
C ASN B 188 1.86 -13.08 13.61
N THR B 189 2.64 -12.03 13.32
CA THR B 189 4.08 -12.10 13.55
C THR B 189 4.40 -12.02 15.04
N ILE B 190 3.66 -11.18 15.77
CA ILE B 190 3.89 -11.01 17.20
C ILE B 190 3.72 -12.35 17.93
N GLY B 191 2.66 -13.09 17.59
CA GLY B 191 2.48 -14.41 18.18
C GLY B 191 3.58 -15.37 17.79
N ASP B 192 4.14 -15.20 16.59
CA ASP B 192 5.21 -16.09 16.14
C ASP B 192 6.51 -15.82 16.91
N MET B 193 6.85 -14.55 17.11
CA MET B 193 8.11 -14.19 17.74
C MET B 193 8.10 -14.41 19.25
N GLY B 194 6.94 -14.28 19.89
CA GLY B 194 6.82 -14.62 21.30
C GLY B 194 7.61 -13.74 22.25
N ARG B 195 7.76 -12.45 21.95
CA ARG B 195 8.53 -11.56 22.79
C ARG B 195 7.65 -10.87 23.83
N LYS B 196 8.30 -10.36 24.89
CA LYS B 196 7.58 -9.65 25.94
C LYS B 196 7.01 -8.35 25.40
N MET B 197 5.69 -8.20 25.53
CA MET B 197 4.98 -6.99 25.13
C MET B 197 3.54 -7.14 25.57
N LEU B 198 2.88 -6.00 25.77
CA LEU B 198 1.48 -5.96 26.19
C LEU B 198 0.68 -5.17 25.16
N ILE B 199 -0.40 -5.77 24.66
CA ILE B 199 -1.33 -5.09 23.78
C ILE B 199 -2.63 -4.89 24.54
N VAL B 200 -3.04 -3.64 24.70
CA VAL B 200 -4.33 -3.31 25.29
C VAL B 200 -5.29 -3.07 24.15
N LEU B 201 -6.28 -3.94 24.01
CA LEU B 201 -7.36 -3.76 23.04
C LEU B 201 -8.43 -2.90 23.69
N ASN B 202 -8.52 -1.65 23.27
CA ASN B 202 -9.52 -0.71 23.79
C ASN B 202 -10.79 -0.87 22.97
N ASP B 203 -11.69 -1.72 23.46
CA ASP B 203 -12.87 -2.15 22.70
C ASP B 203 -14.09 -1.38 23.20
N ASN B 204 -14.60 -0.45 22.38
CA ASN B 204 -15.85 0.25 22.69
C ASN B 204 -16.93 0.01 21.64
N GLU B 205 -16.74 -0.97 20.75
CA GLU B 205 -17.65 -1.30 19.66
C GLU B 205 -17.85 -0.15 18.68
N MET B 206 -17.04 0.90 18.77
CA MET B 206 -17.16 2.07 17.92
C MET B 206 -15.90 2.27 17.10
N SER B 207 -16.05 2.73 15.86
CA SER B 207 -14.93 3.26 15.09
C SER B 207 -15.19 4.76 15.00
N ILE B 208 -15.63 5.27 13.85
CA ILE B 208 -16.31 6.57 13.82
C ILE B 208 -17.79 6.27 13.93
N SER B 209 -18.32 5.59 12.91
CA SER B 209 -19.60 4.91 13.02
C SER B 209 -19.43 3.73 13.98
N GLU B 210 -20.49 2.94 14.11
CA GLU B 210 -20.36 1.68 14.83
C GLU B 210 -19.32 0.82 14.11
N ASN B 211 -18.55 0.06 14.89
CA ASN B 211 -17.53 -0.78 14.27
C ASN B 211 -18.19 -1.90 13.48
N VAL B 212 -17.45 -2.42 12.51
CA VAL B 212 -17.92 -3.48 11.63
C VAL B 212 -16.90 -4.61 11.64
N GLY B 213 -17.23 -5.70 10.94
CA GLY B 213 -16.34 -6.82 10.82
C GLY B 213 -16.75 -7.99 11.69
N ALA B 214 -16.24 -9.17 11.33
CA ALA B 214 -16.61 -10.39 12.05
C ALA B 214 -16.08 -10.38 13.48
N MET B 215 -14.85 -9.90 13.68
CA MET B 215 -14.29 -9.88 15.02
CA MET B 215 -14.29 -9.88 15.02
C MET B 215 -15.16 -9.03 15.96
N ASN B 216 -15.61 -7.86 15.49
CA ASN B 216 -16.50 -7.04 16.30
C ASN B 216 -17.77 -7.79 16.66
N LYS B 217 -18.36 -8.51 15.70
CA LYS B 217 -19.56 -9.29 15.97
C LYS B 217 -19.27 -10.42 16.96
N PHE B 218 -18.14 -11.10 16.79
CA PHE B 218 -17.80 -12.21 17.67
C PHE B 218 -17.62 -11.73 19.11
N MET B 219 -16.93 -10.59 19.30
CA MET B 219 -16.65 -10.14 20.65
C MET B 219 -17.88 -9.59 21.37
N ARG B 220 -18.95 -9.25 20.65
CA ARG B 220 -20.18 -8.84 21.31
C ARG B 220 -20.74 -9.98 22.15
N GLY B 221 -20.61 -11.21 21.68
CA GLY B 221 -21.11 -12.37 22.40
C GLY B 221 -20.13 -12.93 23.41
N SER B 265 -15.91 -17.85 26.84
CA SER B 265 -14.68 -18.18 27.55
C SER B 265 -13.57 -18.58 26.56
N VAL B 266 -13.82 -18.33 25.29
CA VAL B 266 -12.89 -18.69 24.23
C VAL B 266 -11.94 -17.52 23.97
N ASN B 267 -10.70 -17.85 23.59
CA ASN B 267 -9.73 -16.86 23.19
C ASN B 267 -9.96 -16.54 21.71
N PRO B 268 -10.42 -15.33 21.39
CA PRO B 268 -10.63 -14.98 19.97
C PRO B 268 -9.35 -14.97 19.16
N PHE B 269 -8.19 -14.92 19.82
CA PHE B 269 -6.89 -14.92 19.15
C PHE B 269 -6.12 -16.21 19.40
N ALA B 270 -6.83 -17.32 19.60
CA ALA B 270 -6.16 -18.58 19.92
C ALA B 270 -5.20 -18.99 18.83
N ALA B 271 -5.57 -18.78 17.56
CA ALA B 271 -4.69 -19.09 16.45
C ALA B 271 -3.50 -18.15 16.35
N MET B 272 -3.53 -17.02 17.05
CA MET B 272 -2.41 -16.09 17.05
C MET B 272 -1.34 -16.45 18.08
N GLY B 273 -1.58 -17.47 18.91
CA GLY B 273 -0.60 -17.86 19.91
C GLY B 273 -0.28 -16.78 20.92
N VAL B 274 -1.26 -15.94 21.27
CA VAL B 274 -1.05 -14.82 22.16
C VAL B 274 -1.90 -15.03 23.41
N ARG B 275 -1.31 -14.74 24.58
CA ARG B 275 -2.06 -14.77 25.83
C ARG B 275 -3.19 -13.73 25.76
N TYR B 276 -4.38 -14.15 26.20
CA TYR B 276 -5.56 -13.30 26.11
C TYR B 276 -6.20 -13.19 27.48
N VAL B 277 -6.36 -11.96 27.97
CA VAL B 277 -6.97 -11.68 29.26
C VAL B 277 -8.13 -10.73 29.03
N GLY B 278 -9.30 -11.09 29.54
CA GLY B 278 -10.47 -10.25 29.42
C GLY B 278 -11.65 -10.95 28.78
N PRO B 279 -12.69 -10.17 28.41
CA PRO B 279 -12.75 -8.72 28.58
C PRO B 279 -12.94 -8.27 30.03
N VAL B 280 -12.37 -7.11 30.37
CA VAL B 280 -12.48 -6.54 31.71
C VAL B 280 -13.05 -5.13 31.59
N ASP B 281 -13.53 -4.61 32.72
CA ASP B 281 -14.09 -3.27 32.79
C ASP B 281 -12.98 -2.25 32.54
N GLY B 282 -13.06 -1.55 31.40
CA GLY B 282 -12.08 -0.55 31.05
C GLY B 282 -12.19 0.76 31.77
N HIS B 283 -13.13 0.90 32.70
CA HIS B 283 -13.28 2.12 33.48
C HIS B 283 -13.03 1.92 34.97
N ASN B 284 -12.63 0.72 35.39
CA ASN B 284 -12.26 0.44 36.77
C ASN B 284 -10.75 0.65 36.88
N VAL B 285 -10.35 1.87 37.22
CA VAL B 285 -8.94 2.23 37.14
C VAL B 285 -8.10 1.45 38.15
N GLN B 286 -8.65 1.16 39.34
CA GLN B 286 -7.89 0.40 40.32
C GLN B 286 -7.72 -1.05 39.91
N GLU B 287 -8.77 -1.64 39.31
CA GLU B 287 -8.64 -3.03 38.84
C GLU B 287 -7.67 -3.12 37.67
N LEU B 288 -7.67 -2.11 36.80
CA LEU B 288 -6.71 -2.09 35.69
C LEU B 288 -5.27 -2.03 36.20
N VAL B 289 -5.02 -1.20 37.22
CA VAL B 289 -3.69 -1.15 37.82
C VAL B 289 -3.29 -2.52 38.34
N TRP B 290 -4.18 -3.13 39.14
CA TRP B 290 -3.93 -4.47 39.66
C TRP B 290 -3.66 -5.47 38.54
N LEU B 291 -4.41 -5.37 37.44
CA LEU B 291 -4.21 -6.29 36.33
C LEU B 291 -2.88 -6.04 35.62
N LEU B 292 -2.59 -4.77 35.33
CA LEU B 292 -1.36 -4.45 34.60
C LEU B 292 -0.13 -4.90 35.37
N GLU B 293 -0.15 -4.73 36.70
CA GLU B 293 0.99 -5.16 37.53
C GLU B 293 1.27 -6.64 37.39
N ARG B 294 0.23 -7.46 37.20
CA ARG B 294 0.38 -8.90 37.16
C ARG B 294 0.51 -9.44 35.73
N LEU B 295 0.57 -8.57 34.73
CA LEU B 295 0.71 -8.99 33.34
C LEU B 295 1.99 -8.51 32.68
N VAL B 296 2.48 -7.30 33.02
CA VAL B 296 3.51 -6.67 32.21
C VAL B 296 4.86 -7.39 32.29
N ASP B 297 5.06 -8.24 33.30
CA ASP B 297 6.33 -8.94 33.47
C ASP B 297 6.26 -10.40 33.05
N LEU B 298 5.14 -10.85 32.48
CA LEU B 298 5.01 -12.22 32.02
C LEU B 298 5.78 -12.44 30.72
N ASP B 299 6.10 -13.70 30.46
CA ASP B 299 6.74 -14.08 29.21
C ASP B 299 5.76 -14.04 28.05
N GLY B 300 6.25 -13.66 26.88
CA GLY B 300 5.46 -13.69 25.67
C GLY B 300 4.49 -12.54 25.57
N PRO B 301 3.85 -12.40 24.41
CA PRO B 301 2.89 -11.31 24.21
C PRO B 301 1.55 -11.58 24.85
N THR B 302 0.91 -10.51 25.31
CA THR B 302 -0.39 -10.58 25.97
C THR B 302 -1.33 -9.54 25.37
N ILE B 303 -2.56 -9.95 25.11
CA ILE B 303 -3.64 -9.04 24.76
C ILE B 303 -4.52 -8.85 25.99
N LEU B 304 -4.58 -7.62 26.50
CA LEU B 304 -5.51 -7.25 27.55
C LEU B 304 -6.73 -6.62 26.88
N HIS B 305 -7.85 -7.33 26.89
CA HIS B 305 -9.07 -6.86 26.25
C HIS B 305 -9.88 -6.09 27.27
N ILE B 306 -10.01 -4.78 27.09
CA ILE B 306 -10.82 -3.94 27.96
C ILE B 306 -12.03 -3.46 27.19
N VAL B 307 -13.12 -3.21 27.93
CA VAL B 307 -14.37 -2.72 27.37
C VAL B 307 -14.59 -1.31 27.91
N THR B 308 -14.69 -0.35 27.01
CA THR B 308 -14.92 1.04 27.39
C THR B 308 -16.15 1.59 26.69
N THR B 309 -16.68 2.67 27.25
CA THR B 309 -17.79 3.41 26.67
C THR B 309 -17.23 4.67 26.02
N LYS B 310 -17.37 4.79 24.71
CA LYS B 310 -16.90 5.99 24.03
C LYS B 310 -17.66 7.21 24.55
N GLY B 311 -16.91 8.25 24.93
CA GLY B 311 -17.49 9.41 25.54
C GLY B 311 -17.74 9.31 27.03
N LYS B 312 -17.17 8.29 27.70
CA LYS B 312 -17.42 8.06 29.12
C LYS B 312 -17.12 9.31 29.95
N GLY B 313 -18.10 9.72 30.74
CA GLY B 313 -18.00 10.87 31.61
C GLY B 313 -18.84 12.05 31.18
N LEU B 314 -19.29 12.08 29.93
CA LEU B 314 -20.17 13.13 29.43
C LEU B 314 -21.42 12.46 28.85
N SER B 315 -22.57 12.78 29.44
CA SER B 315 -23.81 12.07 29.09
C SER B 315 -24.15 12.25 27.62
N TYR B 316 -23.97 13.45 27.08
CA TYR B 316 -24.28 13.70 25.67
C TYR B 316 -23.37 12.88 24.76
N ALA B 317 -22.10 12.75 25.14
CA ALA B 317 -21.15 11.99 24.31
C ALA B 317 -21.44 10.49 24.38
N GLU B 318 -21.83 10.00 25.56
CA GLU B 318 -22.18 8.59 25.69
C GLU B 318 -23.43 8.26 24.88
N ALA B 319 -24.38 9.19 24.80
CA ALA B 319 -25.62 8.93 24.09
C ALA B 319 -25.42 8.96 22.57
N ASP B 320 -24.51 9.79 22.07
CA ASP B 320 -24.21 9.88 20.63
C ASP B 320 -22.71 9.95 20.43
N PRO B 321 -22.02 8.80 20.51
CA PRO B 321 -20.57 8.81 20.33
C PRO B 321 -20.12 9.09 18.90
N ILE B 322 -21.04 9.09 17.93
CA ILE B 322 -20.66 9.40 16.56
C ILE B 322 -20.38 10.89 16.42
N TYR B 323 -21.35 11.74 16.77
CA TYR B 323 -21.13 13.17 16.67
C TYR B 323 -20.02 13.63 17.61
N TRP B 324 -20.05 13.16 18.86
CA TRP B 324 -19.11 13.64 19.87
C TRP B 324 -17.71 13.07 19.71
N HIS B 325 -17.48 12.23 18.70
CA HIS B 325 -16.13 11.88 18.29
C HIS B 325 -15.35 13.12 17.90
N GLY B 326 -16.01 14.13 17.33
CA GLY B 326 -15.38 15.37 16.96
C GLY B 326 -16.37 16.51 16.96
N PRO B 327 -16.74 16.97 18.15
CA PRO B 327 -17.80 17.99 18.25
C PRO B 327 -17.30 19.39 17.93
N ALA B 328 -18.22 20.21 17.46
CA ALA B 328 -17.97 21.64 17.29
C ALA B 328 -17.98 22.30 18.66
N LYS B 329 -17.87 23.63 18.69
CA LYS B 329 -17.93 24.36 19.94
C LYS B 329 -19.23 24.03 20.68
N PHE B 330 -19.13 23.66 21.95
CA PHE B 330 -20.28 23.22 22.72
C PHE B 330 -20.22 23.74 24.14
N ASP B 331 -21.38 23.73 24.80
CA ASP B 331 -21.51 24.11 26.19
C ASP B 331 -21.51 22.85 27.05
N PRO B 332 -20.50 22.63 27.88
CA PRO B 332 -20.46 21.38 28.67
C PRO B 332 -21.64 21.20 29.62
N ALA B 333 -22.25 22.29 30.07
CA ALA B 333 -23.35 22.16 31.03
C ALA B 333 -24.68 21.78 30.37
N THR B 334 -24.85 22.08 29.09
CA THR B 334 -26.10 21.80 28.39
C THR B 334 -25.96 20.81 27.24
N GLY B 335 -24.76 20.60 26.70
CA GLY B 335 -24.58 19.77 25.54
C GLY B 335 -24.93 20.43 24.23
N GLU B 336 -25.38 21.69 24.25
CA GLU B 336 -25.73 22.38 23.02
C GLU B 336 -24.47 22.77 22.26
N TYR B 337 -24.50 22.58 20.94
CA TYR B 337 -23.33 22.84 20.10
C TYR B 337 -23.73 23.64 18.87
N VAL B 338 -22.73 24.26 18.25
CA VAL B 338 -22.91 25.07 17.05
C VAL B 338 -23.14 24.15 15.86
N PRO B 339 -24.34 24.14 15.28
CA PRO B 339 -24.57 23.28 14.10
C PRO B 339 -23.85 23.82 12.88
N SER B 340 -23.14 22.93 12.18
CA SER B 340 -22.38 23.31 10.99
C SER B 340 -23.35 23.28 9.80
N SER B 341 -24.06 24.40 9.62
CA SER B 341 -25.02 24.55 8.53
C SER B 341 -24.34 24.81 7.18
N ALA B 342 -23.09 24.41 7.02
CA ALA B 342 -22.40 24.59 5.75
C ALA B 342 -22.70 23.42 4.81
N TYR B 343 -22.40 23.63 3.54
CA TYR B 343 -22.58 22.62 2.50
C TYR B 343 -21.19 22.19 2.02
N SER B 344 -20.68 21.10 2.59
CA SER B 344 -19.35 20.63 2.29
C SER B 344 -19.30 19.95 0.93
N TRP B 345 -18.08 19.81 0.40
CA TRP B 345 -17.87 18.95 -0.76
C TRP B 345 -18.36 17.53 -0.48
N SER B 346 -18.18 17.07 0.76
CA SER B 346 -18.64 15.74 1.15
C SER B 346 -20.14 15.60 0.96
N ALA B 347 -20.91 16.61 1.38
CA ALA B 347 -22.36 16.58 1.21
C ALA B 347 -22.76 16.68 -0.26
N ALA B 348 -21.97 17.40 -1.07
CA ALA B 348 -22.26 17.48 -2.50
C ALA B 348 -22.06 16.12 -3.16
N PHE B 349 -20.99 15.41 -2.79
CA PHE B 349 -20.77 14.06 -3.31
C PHE B 349 -21.87 13.12 -2.83
N GLY B 350 -22.18 13.15 -1.53
CA GLY B 350 -23.21 12.27 -1.02
C GLY B 350 -24.54 12.48 -1.70
N GLU B 351 -24.92 13.75 -1.91
CA GLU B 351 -26.16 14.04 -2.63
C GLU B 351 -26.09 13.53 -4.07
N ALA B 352 -24.97 13.75 -4.74
CA ALA B 352 -24.83 13.33 -6.14
C ALA B 352 -24.90 11.81 -6.28
N VAL B 353 -24.16 11.09 -5.43
CA VAL B 353 -24.10 9.63 -5.61
C VAL B 353 -25.39 8.98 -5.12
N THR B 354 -26.06 9.54 -4.12
CA THR B 354 -27.37 9.02 -3.72
C THR B 354 -28.38 9.19 -4.85
N GLU B 355 -28.32 10.33 -5.53
CA GLU B 355 -29.18 10.57 -6.68
C GLU B 355 -28.85 9.64 -7.82
N TRP B 356 -27.56 9.50 -8.14
CA TRP B 356 -27.12 8.67 -9.25
C TRP B 356 -27.55 7.22 -9.07
N ALA B 357 -27.39 6.68 -7.86
CA ALA B 357 -27.71 5.27 -7.63
C ALA B 357 -29.20 4.97 -7.77
N LYS B 358 -30.06 5.98 -7.75
CA LYS B 358 -31.49 5.74 -7.94
C LYS B 358 -31.80 5.24 -9.34
N THR B 359 -31.05 5.70 -10.34
CA THR B 359 -31.30 5.30 -11.72
C THR B 359 -30.24 4.36 -12.27
N ASP B 360 -29.19 4.07 -11.51
CA ASP B 360 -28.14 3.14 -11.93
C ASP B 360 -28.01 2.01 -10.92
N PRO B 361 -28.65 0.87 -11.15
CA PRO B 361 -28.55 -0.25 -10.19
C PRO B 361 -27.16 -0.87 -10.11
N ARG B 362 -26.23 -0.50 -10.99
CA ARG B 362 -24.88 -1.03 -10.92
C ARG B 362 -23.97 -0.24 -9.98
N THR B 363 -24.40 0.94 -9.53
CA THR B 363 -23.58 1.70 -8.61
C THR B 363 -23.60 1.05 -7.23
N PHE B 364 -22.43 0.93 -6.63
CA PHE B 364 -22.24 0.31 -5.32
C PHE B 364 -21.12 1.10 -4.64
N VAL B 365 -21.37 1.64 -3.47
CA VAL B 365 -20.40 2.52 -2.80
C VAL B 365 -19.71 1.76 -1.67
N VAL B 366 -18.38 1.86 -1.62
CA VAL B 366 -17.56 1.22 -0.59
C VAL B 366 -16.81 2.33 0.15
N THR B 367 -16.86 2.28 1.49
CA THR B 367 -16.06 3.19 2.29
C THR B 367 -15.24 2.40 3.30
N PRO B 368 -14.02 2.86 3.61
CA PRO B 368 -13.27 2.24 4.72
C PRO B 368 -13.50 3.04 6.01
N ALA B 369 -14.65 2.77 6.63
CA ALA B 369 -15.02 3.27 7.96
C ALA B 369 -15.29 4.77 8.00
N MET B 370 -15.52 5.42 6.86
CA MET B 370 -15.70 6.86 6.85
C MET B 370 -17.06 7.25 6.25
N ARG B 371 -18.11 6.54 6.65
CA ARG B 371 -19.46 6.88 6.21
C ARG B 371 -19.80 8.34 6.53
N GLU B 372 -19.47 8.79 7.74
CA GLU B 372 -19.81 10.16 8.12
C GLU B 372 -18.95 11.17 7.38
N GLY B 373 -17.63 11.01 7.42
CA GLY B 373 -16.74 12.01 6.85
C GLY B 373 -16.90 12.16 5.35
N SER B 374 -17.12 11.05 4.65
CA SER B 374 -17.29 11.08 3.20
C SER B 374 -18.69 11.53 2.77
N GLY B 375 -19.60 11.72 3.72
CA GLY B 375 -20.93 12.22 3.39
C GLY B 375 -21.92 11.17 2.97
N LEU B 376 -21.79 9.95 3.48
CA LEU B 376 -22.57 8.81 3.00
C LEU B 376 -23.64 8.35 3.97
N VAL B 377 -23.98 9.15 4.99
CA VAL B 377 -25.00 8.73 5.94
C VAL B 377 -26.34 8.57 5.24
N GLU B 378 -26.75 9.57 4.45
CA GLU B 378 -28.01 9.46 3.74
C GLU B 378 -27.95 8.37 2.67
N PHE B 379 -26.81 8.20 2.02
CA PHE B 379 -26.69 7.15 1.02
C PHE B 379 -26.94 5.77 1.63
N SER B 380 -26.31 5.50 2.79
CA SER B 380 -26.45 4.20 3.43
C SER B 380 -27.89 3.94 3.85
N ARG B 381 -28.66 4.99 4.09
CA ARG B 381 -30.06 4.82 4.46
CA ARG B 381 -30.06 4.84 4.45
C ARG B 381 -30.94 4.64 3.24
N VAL B 382 -30.65 5.35 2.14
CA VAL B 382 -31.49 5.27 0.96
C VAL B 382 -31.15 4.03 0.13
N HIS B 383 -29.88 3.64 0.10
CA HIS B 383 -29.41 2.51 -0.71
C HIS B 383 -28.70 1.48 0.16
N PRO B 384 -29.40 0.87 1.12
CA PRO B 384 -28.71 -0.06 2.03
C PRO B 384 -28.13 -1.28 1.34
N HIS B 385 -28.68 -1.67 0.19
CA HIS B 385 -28.20 -2.83 -0.54
C HIS B 385 -27.14 -2.49 -1.57
N ARG B 386 -26.63 -1.25 -1.55
CA ARG B 386 -25.54 -0.84 -2.44
C ARG B 386 -24.46 -0.12 -1.65
N TYR B 387 -24.30 -0.49 -0.37
CA TYR B 387 -23.38 0.19 0.54
C TYR B 387 -22.57 -0.84 1.30
N LEU B 388 -21.26 -0.60 1.42
CA LEU B 388 -20.37 -1.50 2.13
C LEU B 388 -19.35 -0.71 2.95
N ASP B 389 -19.22 -1.06 4.22
CA ASP B 389 -18.20 -0.52 5.12
C ASP B 389 -17.25 -1.67 5.46
N VAL B 390 -16.01 -1.57 5.02
CA VAL B 390 -15.04 -2.65 5.20
C VAL B 390 -14.18 -2.42 6.44
N GLY B 391 -14.56 -1.45 7.27
CA GLY B 391 -13.72 -1.09 8.40
C GLY B 391 -12.53 -0.27 7.97
N ILE B 392 -11.52 -0.17 8.84
CA ILE B 392 -10.35 0.63 8.53
C ILE B 392 -9.38 -0.22 7.70
N ALA B 393 -9.81 -0.60 6.49
CA ALA B 393 -9.04 -1.47 5.62
C ALA B 393 -9.15 -0.96 4.19
N GLU B 394 -8.47 0.16 3.92
CA GLU B 394 -8.48 0.75 2.59
C GLU B 394 -8.08 -0.25 1.52
N GLU B 395 -7.13 -1.14 1.84
CA GLU B 395 -6.70 -2.15 0.88
CA GLU B 395 -6.70 -2.15 0.88
C GLU B 395 -7.85 -3.07 0.49
N VAL B 396 -8.69 -3.45 1.45
CA VAL B 396 -9.83 -4.32 1.16
C VAL B 396 -10.89 -3.55 0.38
N ALA B 397 -11.05 -2.27 0.68
CA ALA B 397 -12.07 -1.48 -0.03
C ALA B 397 -11.81 -1.46 -1.52
N VAL B 398 -10.57 -1.22 -1.92
CA VAL B 398 -10.24 -1.07 -3.34
C VAL B 398 -10.32 -2.41 -4.07
N THR B 399 -9.78 -3.47 -3.47
CA THR B 399 -9.79 -4.75 -4.17
C THR B 399 -11.18 -5.37 -4.18
N THR B 400 -11.99 -5.15 -3.13
CA THR B 400 -13.38 -5.56 -3.19
C THR B 400 -14.10 -4.86 -4.34
N ALA B 401 -13.86 -3.55 -4.50
CA ALA B 401 -14.44 -2.82 -5.62
C ALA B 401 -14.00 -3.40 -6.96
N ALA B 402 -12.72 -3.79 -7.06
CA ALA B 402 -12.24 -4.43 -8.28
C ALA B 402 -13.04 -5.69 -8.60
N GLY B 403 -13.28 -6.53 -7.58
CA GLY B 403 -14.09 -7.72 -7.80
C GLY B 403 -15.50 -7.39 -8.25
N MET B 404 -16.09 -6.33 -7.70
CA MET B 404 -17.40 -5.89 -8.14
C MET B 404 -17.39 -5.46 -9.59
N ALA B 405 -16.36 -4.71 -9.98
CA ALA B 405 -16.24 -4.25 -11.37
C ALA B 405 -16.08 -5.43 -12.33
N LEU B 406 -15.37 -6.48 -11.89
CA LEU B 406 -15.20 -7.67 -12.71
C LEU B 406 -16.53 -8.39 -12.93
N GLN B 407 -17.49 -8.24 -12.01
CA GLN B 407 -18.80 -8.86 -12.17
C GLN B 407 -19.85 -7.88 -12.70
N GLY B 408 -19.41 -6.81 -13.36
CA GLY B 408 -20.35 -5.96 -14.08
C GLY B 408 -20.91 -4.80 -13.30
N MET B 409 -20.47 -4.57 -12.07
CA MET B 409 -20.94 -3.43 -11.30
C MET B 409 -20.13 -2.18 -11.64
N ARG B 410 -20.58 -1.05 -11.09
CA ARG B 410 -19.94 0.24 -11.28
C ARG B 410 -19.60 0.79 -9.90
N PRO B 411 -18.64 0.18 -9.21
CA PRO B 411 -18.37 0.57 -7.83
C PRO B 411 -17.71 1.93 -7.73
N VAL B 412 -18.06 2.64 -6.64
CA VAL B 412 -17.44 3.90 -6.26
C VAL B 412 -16.75 3.69 -4.91
N VAL B 413 -15.45 3.96 -4.86
CA VAL B 413 -14.71 3.95 -3.60
C VAL B 413 -14.65 5.39 -3.09
N ALA B 414 -15.31 5.65 -1.95
CA ALA B 414 -15.20 6.93 -1.28
C ALA B 414 -14.08 6.83 -0.26
N ILE B 415 -13.11 7.74 -0.33
CA ILE B 415 -11.88 7.58 0.45
C ILE B 415 -11.18 8.93 0.52
N TYR B 416 -10.56 9.21 1.67
CA TYR B 416 -9.74 10.41 1.79
C TYR B 416 -8.42 10.21 1.05
N SER B 417 -7.89 11.31 0.51
CA SER B 417 -6.62 11.25 -0.19
C SER B 417 -5.51 10.63 0.66
N THR B 418 -5.41 11.05 1.93
CA THR B 418 -4.33 10.55 2.77
C THR B 418 -4.49 9.05 3.03
N PHE B 419 -5.72 8.57 3.14
CA PHE B 419 -5.94 7.15 3.40
C PHE B 419 -5.86 6.31 2.13
N LEU B 420 -6.10 6.92 0.96
CA LEU B 420 -5.91 6.21 -0.30
C LEU B 420 -4.47 5.74 -0.47
N GLN B 421 -3.51 6.42 0.18
CA GLN B 421 -2.12 5.98 0.17
C GLN B 421 -2.00 4.52 0.60
N ARG B 422 -2.86 4.07 1.52
CA ARG B 422 -2.81 2.69 1.99
C ARG B 422 -3.16 1.69 0.89
N ALA B 423 -3.87 2.12 -0.14
CA ALA B 423 -4.33 1.21 -1.19
C ALA B 423 -3.61 1.43 -2.52
N TYR B 424 -2.38 1.99 -2.47
CA TYR B 424 -1.64 2.28 -3.69
C TYR B 424 -1.47 1.02 -4.55
N ASP B 425 -1.00 -0.08 -3.95
CA ASP B 425 -0.81 -1.29 -4.75
C ASP B 425 -2.13 -1.88 -5.23
N GLN B 426 -3.20 -1.74 -4.45
CA GLN B 426 -4.49 -2.28 -4.88
C GLN B 426 -5.05 -1.49 -6.06
N VAL B 427 -4.85 -0.17 -6.07
CA VAL B 427 -5.22 0.62 -7.25
C VAL B 427 -4.39 0.18 -8.45
N LEU B 428 -3.07 0.09 -8.27
CA LEU B 428 -2.19 -0.22 -9.39
C LEU B 428 -2.40 -1.65 -9.88
N HIS B 429 -2.30 -2.63 -8.98
CA HIS B 429 -2.26 -4.03 -9.36
C HIS B 429 -3.66 -4.59 -9.58
N ASP B 430 -4.61 -4.29 -8.69
CA ASP B 430 -5.91 -4.94 -8.76
C ASP B 430 -6.94 -4.20 -9.61
N VAL B 431 -6.76 -2.90 -9.85
CA VAL B 431 -7.69 -2.10 -10.63
C VAL B 431 -7.11 -1.73 -11.99
N ALA B 432 -5.87 -1.24 -12.03
CA ALA B 432 -5.36 -0.62 -13.24
C ALA B 432 -4.87 -1.62 -14.28
N ILE B 433 -4.32 -2.77 -13.86
CA ILE B 433 -3.76 -3.71 -14.83
C ILE B 433 -4.82 -4.17 -15.81
N GLU B 434 -6.01 -4.50 -15.32
CA GLU B 434 -7.11 -4.88 -16.19
C GLU B 434 -8.04 -3.70 -16.50
N HIS B 435 -7.66 -2.48 -16.11
CA HIS B 435 -8.38 -1.27 -16.50
C HIS B 435 -9.84 -1.33 -16.04
N LEU B 436 -10.05 -1.59 -14.76
CA LEU B 436 -11.38 -1.93 -14.26
C LEU B 436 -12.21 -0.69 -13.93
N ASN B 437 -13.53 -0.89 -13.92
CA ASN B 437 -14.51 0.17 -13.73
C ASN B 437 -14.67 0.52 -12.25
N VAL B 438 -13.60 1.07 -11.66
CA VAL B 438 -13.64 1.60 -10.30
C VAL B 438 -13.54 3.12 -10.37
N THR B 439 -14.49 3.80 -9.73
CA THR B 439 -14.46 5.25 -9.61
C THR B 439 -14.04 5.61 -8.19
N PHE B 440 -13.05 6.49 -8.07
CA PHE B 440 -12.55 6.95 -6.78
C PHE B 440 -13.01 8.38 -6.54
N CYS B 441 -13.80 8.58 -5.50
CA CYS B 441 -14.21 9.93 -5.09
C CYS B 441 -13.40 10.28 -3.85
N ILE B 442 -12.46 11.19 -4.02
CA ILE B 442 -11.35 11.39 -3.10
C ILE B 442 -11.57 12.69 -2.35
N ASP B 443 -11.96 12.58 -1.09
CA ASP B 443 -12.23 13.71 -0.20
C ASP B 443 -10.93 14.11 0.52
N ARG B 444 -10.96 15.27 1.17
CA ARG B 444 -9.81 15.78 1.93
C ARG B 444 -8.55 15.81 1.07
N ALA B 445 -8.72 16.15 -0.21
CA ALA B 445 -7.58 16.25 -1.11
C ALA B 445 -6.88 17.59 -0.90
N GLY B 446 -5.56 17.55 -0.90
CA GLY B 446 -4.77 18.73 -0.60
C GLY B 446 -4.54 18.86 0.91
N ILE B 447 -4.14 20.07 1.30
CA ILE B 447 -3.89 20.35 2.72
C ILE B 447 -5.22 20.29 3.47
N VAL B 448 -5.24 19.50 4.55
CA VAL B 448 -6.41 19.46 5.42
C VAL B 448 -6.25 20.39 6.63
N GLY B 449 -5.02 20.74 6.99
CA GLY B 449 -4.80 21.76 8.00
C GLY B 449 -4.48 21.23 9.39
N ALA B 450 -5.46 21.32 10.29
CA ALA B 450 -5.20 21.12 11.71
C ALA B 450 -4.73 19.70 12.04
N ASP B 451 -5.02 18.72 11.18
CA ASP B 451 -4.59 17.36 11.47
C ASP B 451 -3.13 17.11 11.09
N GLY B 452 -2.50 18.02 10.36
CA GLY B 452 -1.06 17.97 10.19
C GLY B 452 -0.57 16.95 9.17
N ALA B 453 0.69 16.57 9.34
CA ALA B 453 1.42 15.84 8.30
C ALA B 453 0.85 14.44 8.09
N THR B 454 0.31 13.80 9.12
CA THR B 454 -0.20 12.44 8.94
C THR B 454 -1.49 12.42 8.11
N HIS B 455 -2.17 13.57 7.94
CA HIS B 455 -3.45 13.60 7.25
C HIS B 455 -3.49 14.47 6.00
N ASN B 456 -2.47 15.31 5.76
CA ASN B 456 -2.49 16.17 4.59
C ASN B 456 -2.43 15.34 3.31
N GLY B 457 -3.48 15.44 2.48
CA GLY B 457 -3.55 14.64 1.27
C GLY B 457 -2.92 15.31 0.08
N VAL B 458 -1.60 15.52 0.12
CA VAL B 458 -0.92 16.30 -0.89
C VAL B 458 -0.08 15.42 -1.83
N PHE B 459 -0.39 14.13 -1.91
CA PHE B 459 0.39 13.23 -2.76
C PHE B 459 -0.40 12.52 -3.85
N ASP B 460 -1.73 12.60 -3.86
CA ASP B 460 -2.49 11.76 -4.79
C ASP B 460 -2.29 12.19 -6.24
N LEU B 461 -2.04 13.47 -6.50
CA LEU B 461 -1.78 13.86 -7.89
C LEU B 461 -0.45 13.32 -8.38
N SER B 462 0.42 12.90 -7.47
CA SER B 462 1.70 12.29 -7.85
C SER B 462 1.61 10.78 -7.95
N PHE B 463 1.12 10.10 -6.91
CA PHE B 463 1.17 8.64 -6.97
C PHE B 463 0.10 8.05 -7.89
N LEU B 464 -1.06 8.71 -8.06
CA LEU B 464 -2.03 8.20 -9.01
C LEU B 464 -1.60 8.45 -10.45
N ARG B 465 -0.91 9.57 -10.70
CA ARG B 465 -0.60 9.99 -12.06
C ARG B 465 0.30 9.00 -12.77
N SER B 466 1.18 8.31 -12.04
CA SER B 466 2.12 7.39 -12.66
C SER B 466 1.56 5.98 -12.81
N ILE B 467 0.29 5.77 -12.51
CA ILE B 467 -0.38 4.49 -12.71
C ILE B 467 -1.02 4.50 -14.10
N PRO B 468 -0.67 3.57 -14.99
CA PRO B 468 -1.29 3.55 -16.32
C PRO B 468 -2.81 3.44 -16.24
N GLY B 469 -3.49 4.29 -17.02
CA GLY B 469 -4.92 4.19 -17.20
C GLY B 469 -5.78 4.82 -16.13
N VAL B 470 -5.18 5.39 -15.07
CA VAL B 470 -5.96 6.03 -14.01
C VAL B 470 -6.18 7.49 -14.39
N ARG B 471 -7.42 7.84 -14.73
CA ARG B 471 -7.76 9.22 -15.03
C ARG B 471 -7.99 10.00 -13.74
N ILE B 472 -7.69 11.30 -13.77
CA ILE B 472 -7.71 12.14 -12.59
C ILE B 472 -8.38 13.47 -12.92
N GLY B 473 -9.41 13.83 -12.17
CA GLY B 473 -10.12 15.07 -12.39
C GLY B 473 -10.27 15.87 -11.12
N LEU B 474 -10.31 17.20 -11.29
CA LEU B 474 -10.45 18.16 -10.19
C LEU B 474 -11.63 19.08 -10.48
N PRO B 475 -12.79 18.85 -9.84
CA PRO B 475 -13.98 19.67 -10.16
C PRO B 475 -13.94 21.02 -9.48
N LYS B 476 -14.32 22.06 -10.23
CA LYS B 476 -14.33 23.40 -9.66
C LYS B 476 -15.55 23.66 -8.80
N ASP B 477 -16.64 22.94 -9.02
CA ASP B 477 -17.86 23.13 -8.24
C ASP B 477 -18.65 21.81 -8.26
N ALA B 478 -19.84 21.85 -7.64
CA ALA B 478 -20.65 20.64 -7.52
C ALA B 478 -21.19 20.19 -8.88
N ALA B 479 -21.49 21.13 -9.78
CA ALA B 479 -21.95 20.73 -11.11
C ALA B 479 -20.87 19.97 -11.87
N GLU B 480 -19.62 20.43 -11.77
CA GLU B 480 -18.52 19.75 -12.43
C GLU B 480 -18.22 18.41 -11.76
N LEU B 481 -18.41 18.31 -10.45
CA LEU B 481 -18.31 17.04 -9.77
C LEU B 481 -19.32 16.03 -10.32
N ARG B 482 -20.57 16.46 -10.48
CA ARG B 482 -21.58 15.56 -11.05
C ARG B 482 -21.24 15.17 -12.48
N GLY B 483 -20.74 16.13 -13.27
CA GLY B 483 -20.32 15.82 -14.63
C GLY B 483 -19.22 14.79 -14.68
N MET B 484 -18.25 14.89 -13.74
CA MET B 484 -17.16 13.92 -13.72
C MET B 484 -17.62 12.56 -13.20
N LEU B 485 -18.47 12.56 -12.18
CA LEU B 485 -19.01 11.30 -11.68
C LEU B 485 -19.83 10.60 -12.76
N LYS B 486 -20.68 11.36 -13.46
CA LYS B 486 -21.45 10.81 -14.57
C LYS B 486 -20.54 10.23 -15.64
N TYR B 487 -19.50 10.96 -16.03
CA TYR B 487 -18.57 10.45 -17.03
C TYR B 487 -17.93 9.15 -16.56
N ALA B 488 -17.45 9.15 -15.31
CA ALA B 488 -16.71 8.00 -14.78
C ALA B 488 -17.57 6.76 -14.71
N GLN B 489 -18.84 6.92 -14.31
CA GLN B 489 -19.74 5.79 -14.15
C GLN B 489 -20.24 5.24 -15.49
N THR B 490 -20.02 5.95 -16.60
CA THR B 490 -20.51 5.52 -17.90
C THR B 490 -19.40 5.26 -18.90
N HIS B 491 -18.14 5.26 -18.48
CA HIS B 491 -17.03 5.05 -19.40
C HIS B 491 -16.08 4.01 -18.81
N ASP B 492 -15.31 3.39 -19.70
CA ASP B 492 -14.50 2.24 -19.32
C ASP B 492 -13.28 2.66 -18.53
N GLY B 493 -12.91 1.82 -17.55
CA GLY B 493 -11.67 2.00 -16.83
C GLY B 493 -11.79 2.83 -15.57
N PRO B 494 -10.67 3.01 -14.86
CA PRO B 494 -10.69 3.71 -13.56
C PRO B 494 -10.61 5.23 -13.70
N PHE B 495 -11.33 5.91 -12.81
CA PHE B 495 -11.34 7.37 -12.75
C PHE B 495 -11.22 7.80 -11.30
N ALA B 496 -10.43 8.85 -11.07
CA ALA B 496 -10.27 9.44 -9.75
C ALA B 496 -10.76 10.89 -9.79
N ILE B 497 -11.55 11.28 -8.79
CA ILE B 497 -12.08 12.62 -8.67
C ILE B 497 -11.74 13.13 -7.27
N ARG B 498 -10.90 14.16 -7.18
CA ARG B 498 -10.38 14.62 -5.90
C ARG B 498 -10.82 16.04 -5.61
N TYR B 499 -11.27 16.26 -4.37
CA TYR B 499 -11.80 17.55 -3.95
C TYR B 499 -11.42 17.79 -2.51
N PRO B 500 -11.35 19.04 -2.07
CA PRO B 500 -10.79 19.34 -0.76
C PRO B 500 -11.81 19.33 0.37
N ARG B 501 -11.28 19.29 1.59
CA ARG B 501 -12.04 19.72 2.76
C ARG B 501 -12.50 21.16 2.54
N GLY B 502 -13.77 21.42 2.82
CA GLY B 502 -14.32 22.74 2.61
C GLY B 502 -15.68 22.66 1.96
N ASN B 503 -16.19 23.82 1.53
CA ASN B 503 -17.57 23.98 1.11
C ASN B 503 -17.67 24.36 -0.36
N THR B 504 -18.83 24.08 -0.93
CA THR B 504 -19.15 24.46 -2.30
C THR B 504 -20.66 24.61 -2.40
N ALA B 505 -21.09 25.41 -3.38
CA ALA B 505 -22.52 25.72 -3.50
C ALA B 505 -23.34 24.49 -3.87
N GLN B 506 -24.54 24.40 -3.30
CA GLN B 506 -25.46 23.34 -3.65
C GLN B 506 -26.04 23.59 -5.04
N VAL B 507 -26.28 22.51 -5.78
CA VAL B 507 -26.85 22.59 -7.12
C VAL B 507 -28.18 21.83 -7.10
N PRO B 508 -29.08 22.15 -8.04
CA PRO B 508 -30.38 21.47 -8.05
C PRO B 508 -30.24 19.98 -8.36
N ALA B 509 -31.17 19.21 -7.80
CA ALA B 509 -31.26 17.80 -8.17
C ALA B 509 -31.47 17.68 -9.67
N GLY B 510 -30.93 16.60 -10.25
CA GLY B 510 -30.99 16.44 -11.68
C GLY B 510 -29.92 17.17 -12.46
N THR B 511 -28.95 17.79 -11.78
CA THR B 511 -27.83 18.44 -12.45
C THR B 511 -26.83 17.36 -12.86
N TRP B 512 -26.77 17.07 -14.15
CA TRP B 512 -25.86 16.04 -14.68
C TRP B 512 -25.33 16.49 -16.02
N PRO B 513 -24.40 17.45 -16.01
CA PRO B 513 -23.87 17.95 -17.28
C PRO B 513 -22.96 16.93 -17.94
N ASP B 514 -22.91 16.98 -19.26
CA ASP B 514 -21.99 16.16 -20.04
C ASP B 514 -20.70 16.93 -20.26
N LEU B 515 -19.59 16.32 -19.89
CA LEU B 515 -18.28 16.91 -20.16
C LEU B 515 -17.42 15.91 -20.91
N LYS B 516 -16.44 16.43 -21.63
CA LYS B 516 -15.45 15.60 -22.30
C LYS B 516 -14.26 15.47 -21.36
N TRP B 517 -14.02 14.26 -20.88
CA TRP B 517 -12.91 14.04 -19.97
C TRP B 517 -11.59 14.36 -20.67
N GLY B 518 -10.75 15.15 -20.02
CA GLY B 518 -9.50 15.57 -20.58
C GLY B 518 -9.49 16.96 -21.20
N GLU B 519 -10.65 17.60 -21.32
CA GLU B 519 -10.73 18.94 -21.89
C GLU B 519 -10.76 19.98 -20.77
N TRP B 520 -9.81 20.91 -20.80
CA TRP B 520 -9.81 22.03 -19.87
C TRP B 520 -10.79 23.09 -20.33
N GLU B 521 -10.97 24.11 -19.48
CA GLU B 521 -11.84 25.23 -19.82
C GLU B 521 -11.18 26.53 -19.41
N ARG B 522 -11.00 27.44 -20.37
CA ARG B 522 -10.48 28.76 -20.05
C ARG B 522 -11.57 29.57 -19.36
N LEU B 523 -11.22 30.20 -18.24
CA LEU B 523 -12.16 31.02 -17.48
C LEU B 523 -11.87 32.50 -17.53
N LYS B 524 -10.66 32.90 -17.93
CA LYS B 524 -10.32 34.31 -18.04
C LYS B 524 -9.39 34.51 -19.23
N GLY B 525 -9.68 35.53 -20.03
CA GLY B 525 -8.85 35.81 -21.18
C GLY B 525 -7.50 36.40 -20.80
N GLY B 526 -6.55 36.26 -21.71
CA GLY B 526 -5.21 36.74 -21.48
C GLY B 526 -4.16 35.80 -22.05
N ASP B 527 -3.21 36.35 -22.82
CA ASP B 527 -2.16 35.57 -23.43
C ASP B 527 -0.77 35.87 -22.90
N ASP B 528 -0.60 36.98 -22.16
CA ASP B 528 0.71 37.33 -21.62
C ASP B 528 1.19 36.24 -20.66
N VAL B 529 0.56 36.14 -19.50
CA VAL B 529 0.81 35.07 -18.54
C VAL B 529 -0.50 34.31 -18.35
N VAL B 530 -0.43 32.99 -18.35
CA VAL B 530 -1.60 32.14 -18.20
C VAL B 530 -1.38 31.22 -17.02
N ILE B 531 -2.34 31.21 -16.10
CA ILE B 531 -2.29 30.36 -14.91
C ILE B 531 -3.10 29.10 -15.18
N LEU B 532 -2.49 27.95 -14.90
CA LEU B 532 -3.16 26.65 -15.01
C LEU B 532 -3.39 26.12 -13.61
N ALA B 533 -4.64 25.90 -13.25
CA ALA B 533 -4.97 25.43 -11.91
C ALA B 533 -6.33 24.76 -11.91
N GLY B 534 -6.52 23.85 -10.96
CA GLY B 534 -7.80 23.19 -10.77
C GLY B 534 -8.16 23.15 -9.30
N GLY B 535 -9.45 22.94 -9.05
CA GLY B 535 -9.92 22.75 -7.69
C GLY B 535 -9.61 23.94 -6.80
N LYS B 536 -9.09 23.65 -5.60
CA LYS B 536 -8.81 24.72 -4.64
C LYS B 536 -7.78 25.70 -5.19
N ALA B 537 -6.79 25.21 -5.93
CA ALA B 537 -5.79 26.09 -6.52
C ALA B 537 -6.39 27.04 -7.53
N LEU B 538 -7.47 26.62 -8.21
CA LEU B 538 -8.12 27.47 -9.19
C LEU B 538 -8.79 28.66 -8.51
N ASP B 539 -9.37 28.46 -7.34
CA ASP B 539 -9.97 29.57 -6.61
C ASP B 539 -8.92 30.62 -6.27
N TYR B 540 -7.72 30.19 -5.87
CA TYR B 540 -6.62 31.13 -5.62
C TYR B 540 -6.23 31.86 -6.90
N ALA B 541 -6.16 31.13 -8.03
CA ALA B 541 -5.73 31.73 -9.28
C ALA B 541 -6.71 32.78 -9.78
N LEU B 542 -8.01 32.49 -9.72
CA LEU B 542 -9.01 33.45 -10.15
C LEU B 542 -8.99 34.71 -9.28
N LYS B 543 -8.80 34.53 -7.97
CA LYS B 543 -8.70 35.68 -7.09
C LYS B 543 -7.45 36.49 -7.38
N ALA B 544 -6.34 35.82 -7.71
CA ALA B 544 -5.08 36.52 -7.96
C ALA B 544 -5.15 37.36 -9.22
N ALA B 545 -5.79 36.86 -10.27
CA ALA B 545 -5.91 37.58 -11.54
C ALA B 545 -7.13 38.48 -11.59
N GLU B 546 -7.77 38.75 -10.45
CA GLU B 546 -9.08 39.39 -10.42
C GLU B 546 -9.06 40.75 -11.13
N ASP B 547 -8.01 41.53 -10.93
CA ASP B 547 -7.91 42.88 -11.50
C ASP B 547 -6.77 43.01 -12.49
N LEU B 548 -6.31 41.90 -13.05
CA LEU B 548 -5.13 41.87 -13.93
C LEU B 548 -5.54 41.44 -15.33
N PRO B 549 -5.91 42.39 -16.19
CA PRO B 549 -6.20 42.04 -17.59
C PRO B 549 -4.94 41.55 -18.30
N GLY B 550 -5.11 40.58 -19.18
CA GLY B 550 -3.98 39.96 -19.83
C GLY B 550 -3.39 38.76 -19.11
N VAL B 551 -3.77 38.55 -17.85
CA VAL B 551 -3.40 37.33 -17.13
C VAL B 551 -4.51 36.32 -17.34
N GLY B 552 -4.25 35.31 -18.16
CA GLY B 552 -5.23 34.27 -18.41
C GLY B 552 -5.31 33.28 -17.26
N VAL B 553 -6.49 32.70 -17.09
CA VAL B 553 -6.71 31.64 -16.11
C VAL B 553 -7.43 30.50 -16.80
N VAL B 554 -6.86 29.30 -16.72
CA VAL B 554 -7.44 28.11 -17.32
C VAL B 554 -7.80 27.15 -16.20
N ASN B 555 -9.04 26.67 -16.20
CA ASN B 555 -9.46 25.61 -15.29
C ASN B 555 -8.86 24.28 -15.75
N ALA B 556 -7.70 23.93 -15.18
CA ALA B 556 -7.04 22.67 -15.49
C ALA B 556 -7.67 21.57 -14.63
N ARG B 557 -8.92 21.24 -14.98
CA ARG B 557 -9.73 20.32 -14.21
C ARG B 557 -9.38 18.85 -14.46
N PHE B 558 -8.42 18.56 -15.32
CA PHE B 558 -7.99 17.20 -15.55
C PHE B 558 -6.47 17.14 -15.48
N VAL B 559 -5.96 16.31 -14.58
CA VAL B 559 -4.52 16.08 -14.48
C VAL B 559 -4.08 14.88 -15.30
N LYS B 560 -4.98 13.91 -15.51
CA LYS B 560 -4.72 12.79 -16.39
C LYS B 560 -5.99 12.43 -17.16
N PRO B 561 -5.99 12.58 -18.49
CA PRO B 561 -4.89 13.17 -19.25
C PRO B 561 -4.91 14.69 -19.11
N LEU B 562 -3.81 15.34 -19.45
CA LEU B 562 -3.85 16.78 -19.62
C LEU B 562 -4.59 17.12 -20.92
N ASP B 563 -5.06 18.36 -21.02
CA ASP B 563 -5.59 18.87 -22.28
C ASP B 563 -4.39 19.22 -23.15
N GLU B 564 -3.91 18.22 -23.89
CA GLU B 564 -2.70 18.39 -24.70
C GLU B 564 -2.90 19.50 -25.74
N GLU B 565 -4.08 19.56 -26.34
CA GLU B 565 -4.34 20.55 -27.40
C GLU B 565 -4.28 21.97 -26.84
N MET B 566 -4.93 22.21 -25.70
CA MET B 566 -4.91 23.55 -25.14
C MET B 566 -3.54 23.89 -24.55
N LEU B 567 -2.86 22.91 -23.97
CA LEU B 567 -1.53 23.17 -23.42
C LEU B 567 -0.54 23.54 -24.52
N ARG B 568 -0.62 22.86 -25.68
CA ARG B 568 0.24 23.20 -26.80
C ARG B 568 -0.03 24.62 -27.28
N GLU B 569 -1.31 25.00 -27.38
CA GLU B 569 -1.65 26.34 -27.83
C GLU B 569 -1.20 27.39 -26.82
N VAL B 570 -1.55 27.19 -25.54
CA VAL B 570 -1.22 28.18 -24.52
C VAL B 570 0.29 28.21 -24.27
N GLY B 571 0.93 27.04 -24.28
CA GLY B 571 2.36 27.00 -24.05
C GLY B 571 3.17 27.63 -25.16
N GLY B 572 2.64 27.63 -26.38
CA GLY B 572 3.35 28.21 -27.51
C GLY B 572 3.11 29.69 -27.69
N ARG B 573 2.03 30.21 -27.12
CA ARG B 573 1.64 31.60 -27.32
C ARG B 573 1.96 32.50 -26.13
N ALA B 574 2.01 31.95 -24.93
CA ALA B 574 2.24 32.74 -23.72
C ALA B 574 3.73 32.94 -23.48
N ARG B 575 4.09 34.09 -22.92
CA ARG B 575 5.47 34.32 -22.53
C ARG B 575 5.83 33.54 -21.27
N ALA B 576 4.86 33.30 -20.40
CA ALA B 576 5.11 32.56 -19.17
C ALA B 576 3.83 31.85 -18.74
N LEU B 577 4.03 30.67 -18.16
CA LEU B 577 2.94 29.91 -17.55
C LEU B 577 3.18 29.79 -16.06
N ILE B 578 2.09 29.72 -15.31
CA ILE B 578 2.11 29.39 -13.88
C ILE B 578 1.21 28.19 -13.68
N THR B 579 1.74 27.14 -13.06
CA THR B 579 0.91 26.02 -12.61
C THR B 579 0.74 26.12 -11.10
N VAL B 580 -0.47 25.86 -10.63
CA VAL B 580 -0.79 25.90 -9.21
C VAL B 580 -1.51 24.61 -8.85
N GLU B 581 -1.11 23.98 -7.74
CA GLU B 581 -1.73 22.73 -7.34
C GLU B 581 -1.72 22.61 -5.82
N ASP B 582 -2.81 22.08 -5.27
CA ASP B 582 -2.88 21.74 -3.85
C ASP B 582 -2.35 20.30 -3.67
N ASN B 583 -1.05 20.18 -3.89
CA ASN B 583 -0.35 18.90 -4.01
C ASN B 583 1.13 19.22 -3.96
N THR B 584 1.94 18.21 -3.63
CA THR B 584 3.38 18.43 -3.65
C THR B 584 3.82 18.79 -5.07
N VAL B 585 4.84 19.65 -5.15
CA VAL B 585 5.42 20.00 -6.45
C VAL B 585 6.17 18.86 -7.08
N VAL B 586 6.45 17.79 -6.34
CA VAL B 586 7.26 16.68 -6.83
C VAL B 586 6.37 15.71 -7.59
N GLY B 587 6.52 15.67 -8.91
CA GLY B 587 5.82 14.70 -9.74
C GLY B 587 4.32 14.91 -9.86
N GLY B 588 3.81 16.06 -9.46
CA GLY B 588 2.38 16.29 -9.50
C GLY B 588 1.90 16.95 -10.79
N PHE B 589 0.98 17.90 -10.66
CA PHE B 589 0.42 18.55 -11.84
C PHE B 589 1.47 19.38 -12.57
N GLY B 590 2.25 20.16 -11.83
CA GLY B 590 3.32 20.91 -12.45
C GLY B 590 4.31 20.04 -13.20
N GLY B 591 4.70 18.91 -12.58
CA GLY B 591 5.59 17.99 -13.27
C GLY B 591 4.97 17.40 -14.51
N ALA B 592 3.66 17.11 -14.45
CA ALA B 592 2.96 16.63 -15.65
C ALA B 592 2.97 17.66 -16.76
N VAL B 593 2.80 18.94 -16.41
CA VAL B 593 2.83 20.00 -17.42
C VAL B 593 4.22 20.11 -18.04
N LEU B 594 5.27 20.06 -17.21
CA LEU B 594 6.63 20.13 -17.72
C LEU B 594 6.96 18.92 -18.59
N GLU B 595 6.49 17.72 -18.21
CA GLU B 595 6.71 16.54 -19.04
C GLU B 595 6.02 16.69 -20.38
N ALA B 596 4.79 17.20 -20.39
CA ALA B 596 4.06 17.35 -21.64
C ALA B 596 4.67 18.42 -22.53
N LEU B 597 5.06 19.56 -21.93
CA LEU B 597 5.72 20.61 -22.70
C LEU B 597 7.02 20.12 -23.31
N ASN B 598 7.77 19.31 -22.57
CA ASN B 598 9.03 18.79 -23.12
C ASN B 598 8.78 17.84 -24.28
N SER B 599 7.74 17.01 -24.18
CA SER B 599 7.43 16.09 -25.28
C SER B 599 7.03 16.84 -26.54
N MET B 600 6.50 18.05 -26.40
CA MET B 600 6.14 18.91 -27.51
C MET B 600 7.28 19.84 -27.93
N ASN B 601 8.44 19.73 -27.27
CA ASN B 601 9.60 20.60 -27.54
C ASN B 601 9.23 22.07 -27.44
N LEU B 602 8.37 22.40 -26.48
CA LEU B 602 8.05 23.77 -26.14
C LEU B 602 8.77 24.13 -24.86
N HIS B 603 9.34 25.34 -24.82
CA HIS B 603 10.15 25.79 -23.69
C HIS B 603 9.71 27.17 -23.20
N PRO B 604 8.45 27.32 -22.76
CA PRO B 604 8.06 28.58 -22.15
C PRO B 604 8.56 28.66 -20.72
N THR B 605 8.65 29.90 -20.21
CA THR B 605 8.92 30.09 -18.80
C THR B 605 7.75 29.56 -17.99
N VAL B 606 8.04 28.73 -17.00
CA VAL B 606 7.01 28.10 -16.17
C VAL B 606 7.39 28.26 -14.70
N ARG B 607 6.43 28.71 -13.90
CA ARG B 607 6.56 28.78 -12.44
CA ARG B 607 6.57 28.78 -12.44
C ARG B 607 5.64 27.72 -11.84
N VAL B 608 6.23 26.69 -11.26
CA VAL B 608 5.46 25.61 -10.66
C VAL B 608 5.22 25.93 -9.20
N LEU B 609 3.96 26.12 -8.83
CA LEU B 609 3.58 26.48 -7.47
C LEU B 609 2.82 25.32 -6.84
N GLY B 610 3.18 24.99 -5.61
CA GLY B 610 2.54 23.86 -4.94
C GLY B 610 3.11 23.69 -3.54
N ILE B 611 2.81 22.56 -2.94
CA ILE B 611 3.34 22.27 -1.61
C ILE B 611 4.80 21.85 -1.74
N PRO B 612 5.71 22.43 -0.96
CA PRO B 612 7.12 22.01 -1.07
C PRO B 612 7.32 20.57 -0.66
N ASP B 613 8.49 20.03 -1.03
CA ASP B 613 8.84 18.65 -0.72
C ASP B 613 9.16 18.49 0.77
N GLU B 614 8.22 18.87 1.63
CA GLU B 614 8.41 18.85 3.06
C GLU B 614 7.05 18.58 3.69
N PHE B 615 7.02 17.75 4.73
CA PHE B 615 5.77 17.52 5.44
C PHE B 615 5.31 18.80 6.11
N GLN B 616 4.00 19.04 6.10
CA GLN B 616 3.41 20.29 6.59
C GLN B 616 2.77 20.05 7.94
N GLU B 617 3.27 20.74 8.96
CA GLU B 617 2.74 20.60 10.32
C GLU B 617 1.34 21.21 10.40
N HIS B 618 0.65 20.88 11.50
CA HIS B 618 -0.71 21.38 11.72
C HIS B 618 -0.74 22.90 11.74
N ALA B 619 -1.71 23.45 11.02
CA ALA B 619 -1.99 24.88 10.93
C ALA B 619 -3.29 24.98 10.14
N THR B 620 -3.75 26.20 9.87
CA THR B 620 -4.86 26.31 8.94
C THR B 620 -4.35 26.03 7.53
N ALA B 621 -5.24 25.51 6.67
CA ALA B 621 -4.87 25.29 5.28
C ALA B 621 -4.45 26.60 4.62
N GLU B 622 -5.11 27.71 4.98
CA GLU B 622 -4.73 29.01 4.44
C GLU B 622 -3.32 29.41 4.87
N SER B 623 -2.95 29.12 6.12
CA SER B 623 -1.59 29.43 6.57
C SER B 623 -0.58 28.58 5.81
N VAL B 624 -0.84 27.28 5.69
CA VAL B 624 0.06 26.41 4.94
C VAL B 624 0.19 26.91 3.50
N HIS B 625 -0.94 27.26 2.88
CA HIS B 625 -0.93 27.69 1.49
C HIS B 625 -0.23 29.04 1.32
N ALA B 626 -0.38 29.93 2.30
CA ALA B 626 0.31 31.22 2.24
C ALA B 626 1.82 31.01 2.27
N ARG B 627 2.31 30.16 3.17
CA ARG B 627 3.74 29.92 3.28
C ARG B 627 4.26 29.01 2.17
N ALA B 628 3.40 28.13 1.63
CA ALA B 628 3.80 27.33 0.47
C ALA B 628 3.88 28.16 -0.80
N GLY B 629 3.17 29.28 -0.85
CA GLY B 629 3.23 30.16 -2.00
C GLY B 629 2.22 29.88 -3.08
N ILE B 630 1.02 29.39 -2.73
CA ILE B 630 -0.02 29.12 -3.72
C ILE B 630 -1.27 29.94 -3.50
N ASP B 631 -1.35 30.76 -2.44
CA ASP B 631 -2.55 31.56 -2.28
C ASP B 631 -2.50 32.79 -3.20
N ALA B 632 -3.61 33.52 -3.24
CA ALA B 632 -3.73 34.63 -4.19
C ALA B 632 -2.63 35.68 -4.03
N PRO B 633 -2.27 36.15 -2.84
CA PRO B 633 -1.16 37.10 -2.74
C PRO B 633 0.16 36.53 -3.23
N ALA B 634 0.43 35.25 -2.97
CA ALA B 634 1.68 34.65 -3.41
C ALA B 634 1.73 34.53 -4.93
N ILE B 635 0.59 34.20 -5.55
CA ILE B 635 0.55 34.14 -7.01
C ILE B 635 0.79 35.51 -7.62
N ARG B 636 0.21 36.55 -7.03
CA ARG B 636 0.41 37.91 -7.54
C ARG B 636 1.87 38.33 -7.43
N THR B 637 2.56 37.88 -6.39
CA THR B 637 3.99 38.16 -6.29
C THR B 637 4.75 37.46 -7.42
N VAL B 638 4.39 36.21 -7.72
CA VAL B 638 5.02 35.52 -8.84
C VAL B 638 4.68 36.23 -10.16
N LEU B 639 3.44 36.68 -10.30
CA LEU B 639 3.06 37.42 -11.49
C LEU B 639 3.91 38.68 -11.66
N ALA B 640 4.19 39.39 -10.58
CA ALA B 640 5.03 40.58 -10.66
C ALA B 640 6.46 40.23 -11.05
N GLU B 641 6.98 39.10 -10.53
CA GLU B 641 8.31 38.65 -10.93
C GLU B 641 8.37 38.32 -12.42
N LEU B 642 7.26 37.84 -13.00
CA LEU B 642 7.19 37.54 -14.42
C LEU B 642 6.92 38.78 -15.29
N GLY B 643 6.91 39.97 -14.69
CA GLY B 643 6.73 41.19 -15.45
C GLY B 643 5.32 41.68 -15.57
N VAL B 644 4.35 41.09 -14.87
CA VAL B 644 2.99 41.59 -14.91
C VAL B 644 2.89 42.87 -14.08
N ASP B 645 2.14 43.84 -14.58
CA ASP B 645 1.93 45.12 -13.91
C ASP B 645 0.91 44.91 -12.78
N VAL B 646 1.42 44.53 -11.60
CA VAL B 646 0.56 44.31 -10.44
C VAL B 646 0.53 45.59 -9.60
N PRO B 647 -0.65 46.13 -9.28
CA PRO B 647 -0.80 47.38 -8.51
C PRO B 647 -0.14 47.32 -7.13
#